data_3KSL
#
_entry.id   3KSL
#
_cell.length_a   171.191
_cell.length_b   171.191
_cell.length_c   69.217
_cell.angle_alpha   90.00
_cell.angle_beta   90.00
_cell.angle_gamma   120.00
#
_symmetry.space_group_name_H-M   'P 61'
#
loop_
_entity.id
_entity.type
_entity.pdbx_description
1 polymer 'Farnesyltransferase, CAAX box, alpha'
2 polymer 'Protein farnesyltransferase subunit beta'
3 non-polymer 'MAGNESIUM ION'
4 non-polymer 'ZINC ION'
5 non-polymer '(2S,6E)-8-{[(R)-hydroxy(phosphonooxy)phosphoryl]oxy}-2,6-dimethyloct-6-en-1-yl (2S)-3,3,3-trifluoro-2-hydrazinopropanoate'
6 water water
#
loop_
_entity_poly.entity_id
_entity_poly.type
_entity_poly.pdbx_seq_one_letter_code
_entity_poly.pdbx_strand_id
1 'polypeptide(L)'
;MAATEGVGESAPGGEPGQPEQPPPPPPPPPAQQPQEEEMAAEAGEAAASPMDDGFLSLDSPTYVLYRDRAEWADIDPVPQ
NDGPSPVVQIIYSEKFRDVYDYFRAVLQRDERSERAFKLTRDAIELNAANYTVWHFRRVLLRSLQKDLQEEMNYITAIIE
EQPKNYQVWHHRRVLVEWLKDPSQELEFIADILNQDAKNYHAWQHRQWVIQEFRLWDNELQYVDQLLKEDVRNNSVWNQR
HFVISNTTGYSDRAVLEREVQYTLEMIKLVPHNESAWNYLKGILQDRGLSRYPNLLNQLLDLQPSHSSPYLIAFLVDIYE
DMLENQCDNKEDILNKALELCEILAKEKDTIRKEYWRYIGRSLQSKHSRESDIPASV
;
A
2 'polypeptide(L)'
;MASSSSFTYYCPPSSSPVWSEPLYSLRPEHARERLQDDSVETVTSIEQAKVEEKIQEVFSSYKFNHLVPRLVLQREKHFH
YLKRGLRQLTDAYECLDASRPWLCYWILHSLELLDEPIPQIVATDVCQFLELCQSPDGGFGGGPGQYPHLAPTYAAVNAL
CIIGTEEAYNVINREKLLQYLYSLKQPDGSFLMHVGGEVDVRSAYCAASVASLTNIITPDLFEGTAEWIARCQNWEGGIG
GVPGMEAHGGYTFCGLAALVILKKERSLNLKSLLQWVTSRQMRFEGGFQGRCNKLVDGCYSFWQAGLLPLLHRALHAQGD
PALSMSHWMFHQQALQEYILMCCQCPAGGLLDKPGKSRDFYHTCYCLSGLSIAQHFGSGAMLHDVVMGVPENVLQPTHPV
YNIGPDKVIQATTHFLQKPVPGFEECEDAVTSDPATD
;
B
#
# COMPACT_ATOMS: atom_id res chain seq x y z
N GLY A 54 -4.12 34.33 22.03
CA GLY A 54 -3.62 34.86 20.77
C GLY A 54 -2.82 33.86 19.95
N PHE A 55 -3.24 33.64 18.69
CA PHE A 55 -2.60 32.71 17.77
C PHE A 55 -1.56 33.32 16.83
N LEU A 56 -0.26 33.16 17.17
CA LEU A 56 0.81 33.63 16.33
C LEU A 56 1.09 32.51 15.33
N SER A 57 0.53 32.65 14.11
CA SER A 57 0.64 31.67 13.03
C SER A 57 2.09 31.38 12.70
N LEU A 58 2.39 30.11 12.44
CA LEU A 58 3.70 29.61 12.08
C LEU A 58 4.24 30.22 10.78
N ASP A 59 3.34 30.70 9.90
CA ASP A 59 3.75 31.32 8.62
C ASP A 59 3.64 32.87 8.67
N SER A 60 3.23 33.43 9.82
CA SER A 60 3.08 34.87 9.98
C SER A 60 4.44 35.60 9.76
N PRO A 61 4.49 36.79 9.10
CA PRO A 61 5.79 37.48 8.94
C PRO A 61 6.40 37.90 10.31
N THR A 62 5.57 38.02 11.35
CA THR A 62 5.99 38.43 12.70
C THR A 62 6.09 37.24 13.68
N TYR A 63 6.16 36.02 13.14
CA TYR A 63 6.33 34.82 13.97
C TYR A 63 7.68 34.98 14.67
N VAL A 64 7.73 34.58 15.92
CA VAL A 64 8.95 34.65 16.73
C VAL A 64 9.23 33.25 17.28
N LEU A 65 10.51 32.81 17.27
CA LEU A 65 10.93 31.53 17.84
C LEU A 65 10.55 31.50 19.32
N TYR A 66 10.15 30.32 19.83
CA TYR A 66 9.76 30.15 21.23
C TYR A 66 10.87 30.58 22.21
N ARG A 67 12.13 30.36 21.85
CA ARG A 67 13.29 30.76 22.66
C ARG A 67 13.42 32.29 22.79
N ASP A 68 12.71 33.06 21.91
CA ASP A 68 12.69 34.53 21.97
C ASP A 68 11.40 35.06 22.58
N ARG A 69 10.50 34.16 23.05
CA ARG A 69 9.21 34.55 23.63
C ARG A 69 9.31 34.70 25.13
N ALA A 70 8.80 35.82 25.67
CA ALA A 70 8.81 36.17 27.10
C ALA A 70 8.01 35.20 27.97
N GLU A 71 6.81 34.83 27.51
CA GLU A 71 5.90 33.90 28.21
C GLU A 71 6.44 32.44 28.28
N TRP A 72 7.62 32.17 27.65
CA TRP A 72 8.26 30.84 27.65
C TRP A 72 9.64 30.83 28.34
N ALA A 73 10.11 32.00 28.86
CA ALA A 73 11.44 32.14 29.48
C ALA A 73 11.73 31.19 30.66
N ASP A 74 10.71 30.86 31.45
CA ASP A 74 10.79 29.98 32.61
C ASP A 74 11.20 28.56 32.30
N ILE A 75 10.92 28.07 31.08
CA ILE A 75 11.19 26.69 30.71
C ILE A 75 12.38 26.50 29.80
N ASP A 76 13.22 25.52 30.10
CA ASP A 76 14.35 25.22 29.26
C ASP A 76 13.88 24.26 28.17
N PRO A 77 14.17 24.53 26.88
CA PRO A 77 13.80 23.57 25.83
C PRO A 77 14.64 22.29 26.01
N VAL A 78 14.08 21.13 25.65
CA VAL A 78 14.82 19.86 25.82
C VAL A 78 15.33 19.36 24.47
N PRO A 79 16.66 19.31 24.24
CA PRO A 79 17.16 18.82 22.95
C PRO A 79 16.90 17.33 22.78
N GLN A 80 16.78 16.92 21.53
CA GLN A 80 16.57 15.53 21.20
C GLN A 80 17.83 14.75 21.46
N ASN A 81 17.70 13.57 22.08
CA ASN A 81 18.84 12.70 22.34
C ASN A 81 18.96 11.70 21.19
N ASP A 82 19.76 12.06 20.18
CA ASP A 82 20.00 11.24 19.00
C ASP A 82 21.20 10.28 19.19
N GLY A 83 21.74 10.26 20.41
CA GLY A 83 22.90 9.45 20.76
C GLY A 83 24.23 10.10 20.38
N PRO A 84 25.37 9.51 20.82
CA PRO A 84 26.68 10.11 20.49
C PRO A 84 27.12 10.00 19.03
N SER A 85 26.73 8.91 18.32
CA SER A 85 27.06 8.73 16.90
C SER A 85 25.74 8.61 16.12
N PRO A 86 25.16 9.76 15.69
CA PRO A 86 23.84 9.71 15.04
C PRO A 86 23.72 8.99 13.71
N VAL A 87 22.51 8.49 13.45
CA VAL A 87 22.11 7.83 12.21
C VAL A 87 20.79 8.46 11.78
N VAL A 88 20.55 8.53 10.45
CA VAL A 88 19.35 9.14 9.83
C VAL A 88 18.99 10.44 10.54
N GLN A 89 20.03 11.23 10.88
CA GLN A 89 19.92 12.48 11.59
C GLN A 89 19.48 13.55 10.65
N ILE A 90 18.37 14.19 10.99
CA ILE A 90 17.78 15.23 10.17
C ILE A 90 18.33 16.57 10.62
N ILE A 91 18.87 17.35 9.67
CA ILE A 91 19.39 18.67 10.00
C ILE A 91 18.19 19.62 9.98
N TYR A 92 17.48 19.67 11.12
CA TYR A 92 16.26 20.47 11.26
C TYR A 92 16.54 21.92 11.02
N SER A 93 15.55 22.61 10.44
CA SER A 93 15.57 24.04 10.26
C SER A 93 15.46 24.60 11.69
N GLU A 94 15.90 25.84 11.88
CA GLU A 94 15.86 26.46 13.20
C GLU A 94 14.44 26.51 13.77
N LYS A 95 13.42 26.83 12.93
CA LYS A 95 12.02 26.92 13.33
C LYS A 95 11.49 25.56 13.86
N PHE A 96 11.84 24.46 13.17
CA PHE A 96 11.40 23.11 13.51
C PHE A 96 12.02 22.66 14.84
N ARG A 97 13.35 22.78 14.96
CA ARG A 97 14.12 22.41 16.14
C ARG A 97 13.64 23.19 17.35
N ASP A 98 13.34 24.51 17.16
CA ASP A 98 12.85 25.37 18.23
C ASP A 98 11.50 24.88 18.81
N VAL A 99 10.51 24.64 17.93
CA VAL A 99 9.17 24.16 18.36
C VAL A 99 9.26 22.78 19.05
N TYR A 100 10.02 21.85 18.44
CA TYR A 100 10.18 20.50 18.94
C TYR A 100 10.97 20.36 20.24
N ASP A 101 11.95 21.28 20.49
CA ASP A 101 12.71 21.28 21.75
C ASP A 101 11.79 21.77 22.87
N TYR A 102 10.87 22.72 22.57
CA TYR A 102 9.88 23.21 23.52
C TYR A 102 8.72 22.21 23.71
N PHE A 103 8.37 21.46 22.62
CA PHE A 103 7.33 20.42 22.74
C PHE A 103 7.84 19.33 23.71
N ARG A 104 9.11 18.92 23.53
CA ARG A 104 9.76 17.92 24.37
C ARG A 104 9.73 18.34 25.86
N ALA A 105 10.00 19.63 26.15
CA ALA A 105 9.99 20.19 27.50
C ALA A 105 8.63 20.07 28.14
N VAL A 106 7.56 20.51 27.45
CA VAL A 106 6.21 20.43 27.99
C VAL A 106 5.71 19.00 28.12
N LEU A 107 6.14 18.12 27.20
CA LEU A 107 5.75 16.70 27.24
C LEU A 107 6.40 16.01 28.41
N GLN A 108 7.74 16.14 28.54
CA GLN A 108 8.52 15.54 29.62
C GLN A 108 8.05 15.94 31.01
N ARG A 109 7.57 17.19 31.16
CA ARG A 109 7.08 17.63 32.46
C ARG A 109 5.57 17.47 32.56
N ASP A 110 4.92 17.04 31.48
CA ASP A 110 3.47 16.83 31.40
C ASP A 110 2.68 18.10 31.78
N GLU A 111 3.09 19.25 31.19
CA GLU A 111 2.46 20.54 31.41
C GLU A 111 1.17 20.66 30.62
N ARG A 112 0.03 20.57 31.33
CA ARG A 112 -1.29 20.64 30.70
C ARG A 112 -1.83 22.04 30.75
N SER A 113 -1.19 22.92 29.97
CA SER A 113 -1.45 24.35 29.91
C SER A 113 -1.95 24.83 28.56
N GLU A 114 -2.53 26.03 28.56
CA GLU A 114 -3.02 26.72 27.38
C GLU A 114 -1.85 26.99 26.42
N ARG A 115 -0.65 27.35 26.96
CA ARG A 115 0.53 27.58 26.12
C ARG A 115 1.00 26.29 25.44
N ALA A 116 0.98 25.15 26.19
CA ALA A 116 1.39 23.84 25.64
C ALA A 116 0.40 23.43 24.56
N PHE A 117 -0.90 23.75 24.74
CA PHE A 117 -1.94 23.46 23.76
C PHE A 117 -1.68 24.18 22.44
N LYS A 118 -1.44 25.52 22.50
CA LYS A 118 -1.11 26.34 21.32
C LYS A 118 0.17 25.86 20.64
N LEU A 119 1.16 25.41 21.42
CA LEU A 119 2.41 24.88 20.90
C LEU A 119 2.21 23.59 20.07
N THR A 120 1.30 22.70 20.50
CA THR A 120 1.03 21.46 19.73
C THR A 120 0.53 21.80 18.32
N ARG A 121 -0.20 22.93 18.16
CA ARG A 121 -0.68 23.36 16.86
C ARG A 121 0.52 23.63 15.92
N ASP A 122 1.59 24.29 16.44
CA ASP A 122 2.79 24.54 15.65
C ASP A 122 3.55 23.25 15.36
N ALA A 123 3.65 22.36 16.35
CA ALA A 123 4.36 21.10 16.18
C ALA A 123 3.66 20.23 15.15
N ILE A 124 2.33 20.26 15.14
CA ILE A 124 1.53 19.51 14.15
C ILE A 124 1.70 20.15 12.76
N GLU A 125 1.66 21.48 12.68
CA GLU A 125 1.82 22.13 11.38
C GLU A 125 3.19 21.81 10.75
N LEU A 126 4.24 21.75 11.58
CA LEU A 126 5.60 21.40 11.15
C LEU A 126 5.70 19.96 10.72
N ASN A 127 4.99 19.05 11.39
CA ASN A 127 5.02 17.63 11.02
C ASN A 127 3.72 16.97 11.51
N ALA A 128 2.69 17.01 10.64
CA ALA A 128 1.36 16.48 10.91
C ALA A 128 1.32 14.95 11.11
N ALA A 129 2.43 14.24 10.77
CA ALA A 129 2.54 12.80 10.98
C ALA A 129 3.08 12.45 12.38
N ASN A 130 3.41 13.46 13.22
CA ASN A 130 3.90 13.18 14.56
C ASN A 130 2.74 12.80 15.49
N TYR A 131 2.51 11.47 15.65
CA TYR A 131 1.41 10.93 16.44
C TYR A 131 1.59 11.19 17.95
N THR A 132 2.84 11.32 18.45
CA THR A 132 3.10 11.68 19.85
C THR A 132 2.50 13.06 20.14
N VAL A 133 2.67 14.02 19.19
CA VAL A 133 2.09 15.36 19.33
C VAL A 133 0.57 15.29 19.35
N TRP A 134 -0.02 14.53 18.41
CA TRP A 134 -1.47 14.34 18.32
C TRP A 134 -2.03 13.78 19.63
N HIS A 135 -1.33 12.81 20.25
CA HIS A 135 -1.75 12.20 21.51
C HIS A 135 -1.82 13.26 22.62
N PHE A 136 -0.74 14.05 22.78
CA PHE A 136 -0.66 15.11 23.78
C PHE A 136 -1.69 16.17 23.52
N ARG A 137 -1.94 16.53 22.25
CA ARG A 137 -3.00 17.49 21.94
C ARG A 137 -4.37 16.99 22.42
N ARG A 138 -4.65 15.69 22.25
CA ARG A 138 -5.91 15.09 22.72
C ARG A 138 -5.98 15.06 24.25
N VAL A 139 -4.85 14.80 24.95
CA VAL A 139 -4.78 14.86 26.43
C VAL A 139 -5.20 16.30 26.87
N LEU A 140 -4.61 17.32 26.21
CA LEU A 140 -4.85 18.74 26.50
C LEU A 140 -6.26 19.15 26.20
N LEU A 141 -6.88 18.63 25.10
CA LEU A 141 -8.27 18.98 24.77
C LEU A 141 -9.23 18.60 25.92
N ARG A 142 -9.00 17.44 26.53
CA ARG A 142 -9.82 16.95 27.63
C ARG A 142 -9.45 17.61 28.96
N SER A 143 -8.15 17.62 29.35
CA SER A 143 -7.67 18.26 30.61
C SER A 143 -8.08 19.72 30.68
N LEU A 144 -7.88 20.48 29.58
CA LEU A 144 -8.20 21.91 29.54
C LEU A 144 -9.64 22.21 29.25
N GLN A 145 -10.46 21.18 28.98
CA GLN A 145 -11.89 21.36 28.67
C GLN A 145 -12.08 22.35 27.52
N LYS A 146 -11.35 22.11 26.42
CA LYS A 146 -11.40 22.94 25.22
C LYS A 146 -12.69 22.73 24.46
N ASP A 147 -13.24 23.81 23.88
CA ASP A 147 -14.44 23.76 23.07
C ASP A 147 -14.16 22.84 21.84
N LEU A 148 -14.85 21.68 21.75
CA LEU A 148 -14.61 20.70 20.67
C LEU A 148 -15.12 21.13 19.30
N GLN A 149 -16.04 22.10 19.26
CA GLN A 149 -16.52 22.64 17.98
C GLN A 149 -15.47 23.57 17.37
N GLU A 150 -14.71 24.31 18.21
CA GLU A 150 -13.60 25.13 17.74
C GLU A 150 -12.51 24.18 17.24
N GLU A 151 -12.32 23.03 17.93
CA GLU A 151 -11.37 22.02 17.50
C GLU A 151 -11.80 21.40 16.14
N MET A 152 -13.12 21.27 15.89
CA MET A 152 -13.64 20.77 14.62
C MET A 152 -13.31 21.77 13.49
N ASN A 153 -13.41 23.09 13.79
CA ASN A 153 -13.07 24.16 12.83
C ASN A 153 -11.59 24.06 12.47
N TYR A 154 -10.75 23.85 13.47
CA TYR A 154 -9.31 23.68 13.29
C TYR A 154 -9.00 22.41 12.43
N ILE A 155 -9.62 21.25 12.76
CA ILE A 155 -9.35 20.01 12.01
C ILE A 155 -9.81 20.11 10.55
N THR A 156 -10.93 20.80 10.30
CA THR A 156 -11.44 21.06 8.97
C THR A 156 -10.36 21.80 8.16
N ALA A 157 -9.79 22.88 8.73
CA ALA A 157 -8.76 23.70 8.10
C ALA A 157 -7.51 22.91 7.76
N ILE A 158 -6.96 22.12 8.70
CA ILE A 158 -5.74 21.34 8.46
C ILE A 158 -5.96 20.17 7.47
N ILE A 159 -7.16 19.56 7.46
CA ILE A 159 -7.46 18.47 6.50
C ILE A 159 -7.50 19.08 5.12
N GLU A 160 -8.11 20.28 4.97
CA GLU A 160 -8.13 20.98 3.68
C GLU A 160 -6.70 21.19 3.15
N GLU A 161 -5.75 21.54 4.03
CA GLU A 161 -4.32 21.76 3.70
C GLU A 161 -3.54 20.46 3.43
N GLN A 162 -3.79 19.39 4.23
CA GLN A 162 -3.03 18.13 4.12
C GLN A 162 -4.02 16.96 4.03
N PRO A 163 -4.79 16.85 2.93
CA PRO A 163 -5.86 15.82 2.87
C PRO A 163 -5.41 14.37 2.79
N LYS A 164 -4.11 14.10 2.61
CA LYS A 164 -3.58 12.74 2.50
C LYS A 164 -2.91 12.30 3.78
N ASN A 165 -2.89 13.16 4.79
CA ASN A 165 -2.29 12.79 6.06
C ASN A 165 -3.29 11.93 6.85
N TYR A 166 -2.82 10.81 7.41
CA TYR A 166 -3.68 9.88 8.16
C TYR A 166 -4.12 10.46 9.51
N GLN A 167 -3.17 11.02 10.27
CA GLN A 167 -3.40 11.56 11.62
C GLN A 167 -4.53 12.57 11.68
N VAL A 168 -4.63 13.47 10.69
CA VAL A 168 -5.68 14.52 10.65
C VAL A 168 -7.09 13.94 10.58
N TRP A 169 -7.26 12.88 9.79
CA TRP A 169 -8.53 12.17 9.62
C TRP A 169 -8.89 11.38 10.89
N HIS A 170 -7.89 10.73 11.52
CA HIS A 170 -8.12 9.99 12.75
C HIS A 170 -8.56 10.98 13.85
N HIS A 171 -7.91 12.17 13.93
CA HIS A 171 -8.28 13.20 14.91
C HIS A 171 -9.73 13.64 14.71
N ARG A 172 -10.15 13.85 13.43
CA ARG A 172 -11.52 14.24 13.13
C ARG A 172 -12.54 13.17 13.58
N ARG A 173 -12.20 11.89 13.36
CA ARG A 173 -13.05 10.78 13.83
C ARG A 173 -13.22 10.83 15.38
N VAL A 174 -12.12 11.01 16.12
CA VAL A 174 -12.13 11.13 17.59
C VAL A 174 -13.10 12.26 18.05
N LEU A 175 -13.00 13.44 17.40
CA LEU A 175 -13.87 14.59 17.68
C LEU A 175 -15.33 14.26 17.41
N VAL A 176 -15.62 13.57 16.29
CA VAL A 176 -17.00 13.20 15.94
C VAL A 176 -17.53 12.21 17.03
N GLU A 177 -16.69 11.29 17.46
CA GLU A 177 -17.04 10.30 18.49
C GLU A 177 -17.34 11.00 19.80
N TRP A 178 -16.44 11.93 20.21
CA TRP A 178 -16.58 12.72 21.45
C TRP A 178 -17.86 13.55 21.46
N LEU A 179 -18.16 14.21 20.34
CA LEU A 179 -19.30 15.09 20.22
C LEU A 179 -20.60 14.36 19.88
N LYS A 180 -20.49 13.11 19.40
CA LYS A 180 -21.60 12.28 18.95
C LYS A 180 -22.39 13.05 17.91
N ASP A 181 -21.64 13.77 17.06
CA ASP A 181 -22.23 14.65 16.07
C ASP A 181 -21.64 14.47 14.67
N PRO A 182 -22.39 13.77 13.79
CA PRO A 182 -21.94 13.54 12.41
C PRO A 182 -22.51 14.53 11.39
N SER A 183 -23.23 15.59 11.87
CA SER A 183 -23.98 16.52 11.02
C SER A 183 -23.22 17.32 9.99
N GLN A 184 -21.93 17.59 10.21
CA GLN A 184 -21.14 18.34 9.22
C GLN A 184 -20.33 17.39 8.28
N GLU A 185 -20.33 16.09 8.59
CA GLU A 185 -19.47 15.08 7.95
C GLU A 185 -19.58 14.87 6.48
N LEU A 186 -20.75 14.51 6.01
CA LEU A 186 -20.95 14.20 4.59
C LEU A 186 -20.65 15.35 3.68
N GLU A 187 -21.01 16.57 4.10
CA GLU A 187 -20.77 17.79 3.35
C GLU A 187 -19.26 18.14 3.37
N PHE A 188 -18.60 17.99 4.54
CA PHE A 188 -17.15 18.25 4.64
C PHE A 188 -16.37 17.29 3.70
N ILE A 189 -16.66 15.98 3.79
CA ILE A 189 -16.04 14.94 2.93
C ILE A 189 -16.28 15.22 1.47
N ALA A 190 -17.54 15.60 1.08
CA ALA A 190 -17.87 15.91 -0.31
C ALA A 190 -17.00 17.06 -0.82
N ASP A 191 -16.65 18.02 0.07
CA ASP A 191 -15.76 19.14 -0.33
C ASP A 191 -14.34 18.63 -0.60
N ILE A 192 -13.83 17.69 0.22
CA ILE A 192 -12.50 17.09 -0.01
C ILE A 192 -12.53 16.28 -1.31
N LEU A 193 -13.60 15.49 -1.51
CA LEU A 193 -13.78 14.65 -2.71
C LEU A 193 -13.95 15.47 -3.98
N ASN A 194 -14.37 16.73 -3.83
CA ASN A 194 -14.50 17.67 -4.94
C ASN A 194 -13.11 18.09 -5.44
N GLN A 195 -12.08 18.04 -4.57
CA GLN A 195 -10.68 18.36 -4.92
C GLN A 195 -9.87 17.13 -5.33
N ASP A 196 -10.15 15.96 -4.70
CA ASP A 196 -9.53 14.66 -5.03
C ASP A 196 -10.60 13.60 -4.77
N ALA A 197 -11.29 13.21 -5.84
CA ALA A 197 -12.40 12.26 -5.84
C ALA A 197 -12.02 10.84 -5.49
N LYS A 198 -10.70 10.57 -5.28
CA LYS A 198 -10.18 9.23 -4.99
C LYS A 198 -9.40 9.19 -3.67
N ASN A 199 -9.45 10.26 -2.87
CA ASN A 199 -8.72 10.35 -1.59
C ASN A 199 -9.16 9.18 -0.72
N TYR A 200 -8.24 8.24 -0.49
CA TYR A 200 -8.51 7.00 0.27
C TYR A 200 -9.01 7.25 1.69
N HIS A 201 -8.40 8.19 2.43
CA HIS A 201 -8.82 8.49 3.81
C HIS A 201 -10.20 9.15 3.86
N ALA A 202 -10.51 10.03 2.88
CA ALA A 202 -11.81 10.69 2.77
C ALA A 202 -12.89 9.60 2.55
N TRP A 203 -12.66 8.64 1.64
CA TRP A 203 -13.63 7.55 1.44
C TRP A 203 -13.78 6.68 2.68
N GLN A 204 -12.64 6.38 3.35
CA GLN A 204 -12.68 5.59 4.59
C GLN A 204 -13.46 6.33 5.71
N HIS A 205 -13.23 7.65 5.84
CA HIS A 205 -13.94 8.41 6.89
C HIS A 205 -15.44 8.45 6.54
N ARG A 206 -15.75 8.58 5.25
CA ARG A 206 -17.13 8.59 4.76
C ARG A 206 -17.84 7.29 5.12
N GLN A 207 -17.21 6.13 4.84
CA GLN A 207 -17.82 4.82 5.16
C GLN A 207 -17.97 4.66 6.66
N TRP A 208 -16.99 5.13 7.46
CA TRP A 208 -17.10 5.08 8.92
C TRP A 208 -18.31 5.89 9.41
N VAL A 209 -18.45 7.15 8.95
CA VAL A 209 -19.57 8.05 9.32
C VAL A 209 -20.94 7.39 8.97
N ILE A 210 -21.10 6.95 7.72
CA ILE A 210 -22.34 6.35 7.23
C ILE A 210 -22.72 5.11 8.04
N GLN A 211 -21.77 4.22 8.27
CA GLN A 211 -22.02 2.98 9.01
C GLN A 211 -22.30 3.22 10.49
N GLU A 212 -21.49 4.05 11.16
CA GLU A 212 -21.60 4.34 12.59
C GLU A 212 -22.86 5.12 12.96
N PHE A 213 -23.29 6.05 12.11
CA PHE A 213 -24.44 6.92 12.34
C PHE A 213 -25.66 6.59 11.48
N ARG A 214 -25.60 5.49 10.70
CA ARG A 214 -26.69 5.00 9.84
C ARG A 214 -27.17 6.08 8.88
N LEU A 215 -26.25 6.69 8.11
CA LEU A 215 -26.59 7.78 7.20
C LEU A 215 -26.54 7.27 5.76
N TRP A 216 -27.31 6.21 5.49
CA TRP A 216 -27.36 5.50 4.21
C TRP A 216 -28.20 6.14 3.12
N ASP A 217 -29.29 6.82 3.51
CA ASP A 217 -30.36 7.34 2.65
C ASP A 217 -30.01 8.13 1.41
N ASN A 218 -29.01 9.03 1.46
CA ASN A 218 -28.66 9.80 0.26
C ASN A 218 -27.37 9.37 -0.46
N GLU A 219 -26.72 8.29 0.01
CA GLU A 219 -25.44 7.83 -0.53
C GLU A 219 -25.46 7.29 -1.95
N LEU A 220 -26.52 6.55 -2.35
CA LEU A 220 -26.58 6.03 -3.71
C LEU A 220 -26.72 7.17 -4.72
N GLN A 221 -27.44 8.25 -4.34
CA GLN A 221 -27.63 9.44 -5.17
C GLN A 221 -26.28 10.16 -5.33
N TYR A 222 -25.53 10.33 -4.24
CA TYR A 222 -24.18 10.94 -4.27
C TYR A 222 -23.26 10.11 -5.21
N VAL A 223 -23.31 8.75 -5.09
CA VAL A 223 -22.55 7.83 -5.95
C VAL A 223 -22.88 8.07 -7.45
N ASP A 224 -24.18 8.17 -7.76
CA ASP A 224 -24.68 8.42 -9.13
C ASP A 224 -24.15 9.73 -9.67
N GLN A 225 -24.07 10.76 -8.83
CA GLN A 225 -23.54 12.08 -9.19
C GLN A 225 -22.04 11.97 -9.53
N LEU A 226 -21.22 11.31 -8.66
CA LEU A 226 -19.79 11.18 -8.95
C LEU A 226 -19.49 10.27 -10.15
N LEU A 227 -20.35 9.27 -10.40
CA LEU A 227 -20.17 8.38 -11.57
C LEU A 227 -20.46 9.14 -12.87
N LYS A 228 -21.36 10.17 -12.82
CA LYS A 228 -21.68 11.02 -13.98
C LYS A 228 -20.42 11.88 -14.26
N GLU A 229 -19.77 12.38 -13.20
CA GLU A 229 -18.55 13.18 -13.33
C GLU A 229 -17.40 12.37 -13.91
N ASP A 230 -17.18 11.17 -13.36
CA ASP A 230 -16.11 10.27 -13.82
C ASP A 230 -16.55 8.80 -13.59
N VAL A 231 -17.01 8.16 -14.66
CA VAL A 231 -17.44 6.76 -14.70
C VAL A 231 -16.25 5.83 -14.42
N ARG A 232 -15.02 6.33 -14.57
CA ARG A 232 -13.82 5.52 -14.34
C ARG A 232 -13.33 5.59 -12.87
N ASN A 233 -14.04 6.31 -12.00
CA ASN A 233 -13.63 6.47 -10.60
C ASN A 233 -13.92 5.17 -9.84
N ASN A 234 -12.89 4.37 -9.63
CA ASN A 234 -13.01 3.09 -8.93
C ASN A 234 -13.46 3.23 -7.48
N SER A 235 -13.09 4.34 -6.81
CA SER A 235 -13.49 4.55 -5.41
C SER A 235 -15.02 4.64 -5.30
N VAL A 236 -15.64 5.21 -6.33
CA VAL A 236 -17.08 5.44 -6.43
C VAL A 236 -17.83 4.14 -6.76
N TRP A 237 -17.28 3.29 -7.66
CA TRP A 237 -17.87 1.97 -7.95
C TRP A 237 -17.77 1.15 -6.64
N ASN A 238 -16.69 1.35 -5.87
CA ASN A 238 -16.54 0.68 -4.57
C ASN A 238 -17.60 1.19 -3.62
N GLN A 239 -17.86 2.53 -3.60
CA GLN A 239 -18.88 3.10 -2.73
C GLN A 239 -20.28 2.57 -3.09
N ARG A 240 -20.54 2.39 -4.39
CA ARG A 240 -21.81 1.84 -4.90
C ARG A 240 -22.03 0.45 -4.26
N HIS A 241 -21.02 -0.43 -4.36
CA HIS A 241 -21.06 -1.77 -3.77
C HIS A 241 -21.25 -1.69 -2.23
N PHE A 242 -20.56 -0.76 -1.58
CA PHE A 242 -20.65 -0.55 -0.13
C PHE A 242 -22.08 -0.23 0.32
N VAL A 243 -22.73 0.72 -0.37
CA VAL A 243 -24.10 1.15 -0.08
C VAL A 243 -25.09 0.03 -0.31
N ILE A 244 -25.07 -0.57 -1.50
CA ILE A 244 -26.03 -1.62 -1.87
C ILE A 244 -25.92 -2.82 -0.97
N SER A 245 -24.69 -3.32 -0.75
CA SER A 245 -24.49 -4.49 0.09
C SER A 245 -24.95 -4.29 1.53
N ASN A 246 -24.90 -3.05 2.03
CA ASN A 246 -25.32 -2.75 3.40
C ASN A 246 -26.74 -2.25 3.53
N THR A 247 -27.50 -2.12 2.41
CA THR A 247 -28.89 -1.64 2.44
C THR A 247 -29.84 -2.76 1.96
N THR A 248 -30.09 -2.86 0.66
CA THR A 248 -30.97 -3.87 0.05
C THR A 248 -30.26 -5.22 -0.08
N GLY A 249 -28.97 -5.19 -0.33
CA GLY A 249 -28.22 -6.39 -0.65
C GLY A 249 -28.36 -6.61 -2.15
N TYR A 250 -27.64 -7.57 -2.69
CA TYR A 250 -27.68 -7.91 -4.12
C TYR A 250 -28.53 -9.17 -4.41
N SER A 251 -29.13 -9.78 -3.35
CA SER A 251 -29.94 -10.99 -3.52
C SER A 251 -31.31 -10.65 -4.09
N ASP A 252 -31.79 -9.44 -3.84
CA ASP A 252 -33.03 -8.92 -4.37
C ASP A 252 -32.85 -8.84 -5.91
N ARG A 253 -33.60 -9.69 -6.63
CA ARG A 253 -33.55 -9.81 -8.09
C ARG A 253 -33.75 -8.52 -8.86
N ALA A 254 -34.67 -7.64 -8.40
CA ALA A 254 -34.92 -6.34 -9.03
C ALA A 254 -33.65 -5.44 -8.89
N VAL A 255 -33.01 -5.48 -7.70
CA VAL A 255 -31.78 -4.72 -7.42
C VAL A 255 -30.68 -5.19 -8.32
N LEU A 256 -30.42 -6.52 -8.36
CA LEU A 256 -29.38 -7.11 -9.20
C LEU A 256 -29.57 -6.77 -10.68
N GLU A 257 -30.81 -6.93 -11.19
CA GLU A 257 -31.16 -6.63 -12.58
C GLU A 257 -30.87 -5.15 -12.91
N ARG A 258 -31.30 -4.22 -12.03
CA ARG A 258 -31.05 -2.78 -12.16
C ARG A 258 -29.54 -2.50 -12.20
N GLU A 259 -28.76 -3.19 -11.33
CA GLU A 259 -27.30 -2.99 -11.25
C GLU A 259 -26.56 -3.50 -12.48
N VAL A 260 -26.92 -4.71 -12.96
CA VAL A 260 -26.28 -5.30 -14.14
C VAL A 260 -26.62 -4.46 -15.39
N GLN A 261 -27.91 -4.02 -15.52
CA GLN A 261 -28.36 -3.19 -16.63
C GLN A 261 -27.61 -1.86 -16.67
N TYR A 262 -27.51 -1.17 -15.53
CA TYR A 262 -26.77 0.09 -15.39
C TYR A 262 -25.31 -0.10 -15.79
N THR A 263 -24.68 -1.20 -15.32
CA THR A 263 -23.27 -1.52 -15.60
C THR A 263 -23.07 -1.80 -17.09
N LEU A 264 -23.94 -2.62 -17.71
CA LEU A 264 -23.87 -2.91 -19.15
C LEU A 264 -24.02 -1.64 -19.98
N GLU A 265 -24.90 -0.70 -19.55
CA GLU A 265 -25.08 0.62 -20.20
C GLU A 265 -23.76 1.42 -20.09
N MET A 266 -23.12 1.39 -18.90
CA MET A 266 -21.84 2.07 -18.68
C MET A 266 -20.75 1.47 -19.55
N ILE A 267 -20.71 0.12 -19.68
CA ILE A 267 -19.74 -0.59 -20.51
C ILE A 267 -19.94 -0.18 -22.01
N LYS A 268 -21.21 -0.05 -22.47
CA LYS A 268 -21.52 0.36 -23.85
C LYS A 268 -20.94 1.75 -24.14
N LEU A 269 -21.10 2.69 -23.21
CA LEU A 269 -20.60 4.05 -23.35
C LEU A 269 -19.07 4.15 -23.33
N VAL A 270 -18.42 3.41 -22.40
CA VAL A 270 -16.95 3.44 -22.23
C VAL A 270 -16.42 1.99 -22.18
N PRO A 271 -16.34 1.29 -23.35
CA PRO A 271 -15.93 -0.14 -23.35
C PRO A 271 -14.61 -0.50 -22.70
N HIS A 272 -13.64 0.43 -22.74
CA HIS A 272 -12.33 0.17 -22.16
C HIS A 272 -12.19 0.63 -20.68
N ASN A 273 -13.32 0.97 -20.03
CA ASN A 273 -13.31 1.36 -18.62
C ASN A 273 -13.36 0.07 -17.77
N GLU A 274 -12.21 -0.32 -17.23
CA GLU A 274 -12.07 -1.52 -16.40
C GLU A 274 -12.97 -1.56 -15.14
N SER A 275 -13.25 -0.40 -14.49
CA SER A 275 -14.05 -0.39 -13.25
C SER A 275 -15.43 -1.01 -13.42
N ALA A 276 -16.15 -0.62 -14.48
CA ALA A 276 -17.50 -1.15 -14.74
C ALA A 276 -17.44 -2.65 -15.03
N TRP A 277 -16.42 -3.12 -15.77
CA TRP A 277 -16.22 -4.55 -16.03
C TRP A 277 -15.97 -5.33 -14.73
N ASN A 278 -15.12 -4.78 -13.82
CA ASN A 278 -14.80 -5.41 -12.53
C ASN A 278 -16.03 -5.43 -11.63
N TYR A 279 -16.87 -4.38 -11.73
CA TYR A 279 -18.09 -4.30 -10.95
C TYR A 279 -19.09 -5.35 -11.42
N LEU A 280 -19.27 -5.51 -12.76
CA LEU A 280 -20.18 -6.51 -13.33
C LEU A 280 -19.78 -7.92 -12.86
N LYS A 281 -18.47 -8.23 -12.91
CA LYS A 281 -17.93 -9.51 -12.47
C LYS A 281 -18.13 -9.72 -10.96
N GLY A 282 -17.76 -8.70 -10.17
CA GLY A 282 -17.86 -8.72 -8.72
C GLY A 282 -19.26 -9.00 -8.21
N ILE A 283 -20.30 -8.34 -8.80
CA ILE A 283 -21.68 -8.55 -8.33
C ILE A 283 -22.33 -9.90 -8.81
N LEU A 284 -21.72 -10.57 -9.81
CA LEU A 284 -22.25 -11.84 -10.35
C LEU A 284 -21.44 -13.08 -10.01
N GLN A 285 -20.14 -12.94 -9.70
CA GLN A 285 -19.21 -14.02 -9.32
C GLN A 285 -19.66 -14.76 -8.07
N ASP A 286 -20.42 -14.07 -7.19
CA ASP A 286 -20.93 -14.57 -5.91
C ASP A 286 -21.64 -15.91 -6.13
N ARG A 287 -22.75 -15.84 -6.87
CA ARG A 287 -23.59 -16.99 -7.20
C ARG A 287 -23.00 -17.84 -8.32
N GLY A 288 -22.09 -17.26 -9.09
CA GLY A 288 -21.43 -17.93 -10.20
C GLY A 288 -21.93 -17.41 -11.52
N LEU A 289 -21.01 -16.96 -12.39
CA LEU A 289 -21.31 -16.42 -13.71
C LEU A 289 -22.16 -17.36 -14.58
N SER A 290 -21.96 -18.70 -14.46
CA SER A 290 -22.72 -19.70 -15.22
C SER A 290 -24.20 -19.79 -14.82
N ARG A 291 -24.59 -19.13 -13.73
CA ARG A 291 -25.96 -19.11 -13.23
C ARG A 291 -26.82 -18.17 -14.09
N TYR A 292 -26.17 -17.31 -14.89
CA TYR A 292 -26.81 -16.32 -15.75
C TYR A 292 -26.55 -16.68 -17.21
N PRO A 293 -27.37 -17.62 -17.78
CA PRO A 293 -27.15 -18.06 -19.17
C PRO A 293 -27.23 -16.98 -20.25
N ASN A 294 -28.07 -15.93 -20.08
CA ASN A 294 -28.19 -14.88 -21.11
C ASN A 294 -26.96 -14.00 -21.24
N LEU A 295 -26.27 -13.74 -20.12
CA LEU A 295 -25.10 -12.88 -20.07
C LEU A 295 -24.03 -13.16 -21.13
N LEU A 296 -23.66 -14.45 -21.33
CA LEU A 296 -22.68 -14.89 -22.32
C LEU A 296 -22.99 -14.41 -23.77
N ASN A 297 -24.23 -14.65 -24.24
CA ASN A 297 -24.69 -14.25 -25.59
C ASN A 297 -24.80 -12.74 -25.69
N GLN A 298 -25.22 -12.08 -24.59
CA GLN A 298 -25.35 -10.63 -24.52
C GLN A 298 -23.99 -9.90 -24.61
N LEU A 299 -22.91 -10.56 -24.16
CA LEU A 299 -21.54 -10.03 -24.23
C LEU A 299 -20.95 -10.37 -25.61
N LEU A 300 -21.29 -11.56 -26.14
CA LEU A 300 -20.89 -12.04 -27.47
C LEU A 300 -21.49 -11.09 -28.51
N ASP A 301 -22.67 -10.49 -28.21
CA ASP A 301 -23.35 -9.51 -29.06
C ASP A 301 -22.67 -8.13 -29.05
N LEU A 302 -21.56 -8.00 -28.29
CA LEU A 302 -20.75 -6.78 -28.22
C LEU A 302 -19.35 -7.05 -28.80
N GLN A 303 -19.06 -8.34 -29.15
CA GLN A 303 -17.79 -8.80 -29.75
C GLN A 303 -17.33 -7.96 -30.96
N PRO A 304 -18.16 -7.57 -31.96
CA PRO A 304 -17.64 -6.74 -33.05
C PRO A 304 -17.51 -5.27 -32.66
N SER A 305 -18.60 -4.66 -32.13
CA SER A 305 -18.67 -3.25 -31.75
C SER A 305 -17.88 -2.83 -30.49
N HIS A 306 -18.29 -3.29 -29.29
CA HIS A 306 -17.66 -2.92 -28.02
C HIS A 306 -16.67 -3.98 -27.46
N SER A 307 -15.70 -4.39 -28.29
CA SER A 307 -14.69 -5.37 -27.87
C SER A 307 -13.48 -4.72 -27.20
N SER A 308 -12.80 -5.50 -26.35
CA SER A 308 -11.64 -5.11 -25.58
C SER A 308 -11.05 -6.36 -24.94
N PRO A 309 -9.80 -6.33 -24.40
CA PRO A 309 -9.32 -7.50 -23.63
C PRO A 309 -10.20 -7.77 -22.41
N TYR A 310 -11.04 -6.78 -21.96
CA TYR A 310 -11.94 -6.93 -20.81
C TYR A 310 -13.09 -7.86 -21.14
N LEU A 311 -13.72 -7.69 -22.32
CA LEU A 311 -14.84 -8.53 -22.75
C LEU A 311 -14.35 -9.99 -22.91
N ILE A 312 -13.19 -10.20 -23.59
CA ILE A 312 -12.55 -11.50 -23.84
C ILE A 312 -12.20 -12.22 -22.53
N ALA A 313 -11.61 -11.47 -21.58
CA ALA A 313 -11.26 -11.99 -20.26
C ALA A 313 -12.54 -12.43 -19.53
N PHE A 314 -13.62 -11.64 -19.63
CA PHE A 314 -14.93 -11.95 -19.00
C PHE A 314 -15.49 -13.24 -19.57
N LEU A 315 -15.35 -13.43 -20.89
CA LEU A 315 -15.77 -14.65 -21.58
C LEU A 315 -15.04 -15.84 -21.00
N VAL A 316 -13.71 -15.73 -20.76
CA VAL A 316 -12.90 -16.80 -20.13
C VAL A 316 -13.45 -17.08 -18.73
N ASP A 317 -13.80 -16.01 -17.95
CA ASP A 317 -14.36 -16.12 -16.60
C ASP A 317 -15.71 -16.90 -16.62
N ILE A 318 -16.61 -16.59 -17.59
CA ILE A 318 -17.89 -17.30 -17.73
C ILE A 318 -17.61 -18.78 -18.03
N TYR A 319 -16.71 -19.06 -19.00
CA TYR A 319 -16.32 -20.42 -19.39
C TYR A 319 -15.75 -21.24 -18.25
N GLU A 320 -14.86 -20.65 -17.42
CA GLU A 320 -14.27 -21.28 -16.24
C GLU A 320 -15.38 -21.77 -15.31
N ASP A 321 -16.39 -20.90 -15.01
CA ASP A 321 -17.51 -21.25 -14.14
C ASP A 321 -18.42 -22.32 -14.73
N MET A 322 -18.63 -22.29 -16.07
CA MET A 322 -19.44 -23.29 -16.78
C MET A 322 -18.82 -24.67 -16.62
N LEU A 323 -17.51 -24.77 -16.85
CA LEU A 323 -16.70 -25.99 -16.73
C LEU A 323 -16.67 -26.53 -15.28
N GLU A 324 -16.86 -25.64 -14.28
CA GLU A 324 -16.88 -26.02 -12.86
C GLU A 324 -18.30 -26.42 -12.43
N ASN A 325 -19.31 -26.22 -13.31
CA ASN A 325 -20.71 -26.52 -13.01
C ASN A 325 -21.38 -27.47 -14.00
N GLN A 326 -20.60 -28.43 -14.54
CA GLN A 326 -21.04 -29.49 -15.47
C GLN A 326 -21.91 -28.98 -16.61
N CYS A 327 -21.38 -28.03 -17.41
CA CYS A 327 -22.11 -27.42 -18.52
C CYS A 327 -22.31 -28.38 -19.69
N ASP A 328 -23.29 -28.10 -20.55
CA ASP A 328 -23.51 -28.86 -21.78
C ASP A 328 -22.38 -28.44 -22.73
N ASN A 329 -21.91 -29.37 -23.59
CA ASN A 329 -20.83 -29.16 -24.57
C ASN A 329 -19.50 -28.83 -23.86
N LYS A 330 -19.07 -29.68 -22.90
CA LYS A 330 -17.84 -29.49 -22.11
C LYS A 330 -16.56 -29.26 -22.91
N GLU A 331 -16.28 -30.10 -23.94
CA GLU A 331 -15.08 -29.98 -24.76
C GLU A 331 -15.12 -28.76 -25.68
N ASP A 332 -16.33 -28.35 -26.11
CA ASP A 332 -16.55 -27.17 -26.95
C ASP A 332 -16.24 -25.90 -26.14
N ILE A 333 -16.75 -25.81 -24.88
CA ILE A 333 -16.52 -24.69 -23.95
C ILE A 333 -15.02 -24.62 -23.62
N LEU A 334 -14.40 -25.77 -23.32
CA LEU A 334 -12.98 -25.84 -23.02
C LEU A 334 -12.12 -25.29 -24.15
N ASN A 335 -12.32 -25.74 -25.41
CA ASN A 335 -11.52 -25.26 -26.55
C ASN A 335 -11.71 -23.77 -26.82
N LYS A 336 -12.95 -23.25 -26.64
CA LYS A 336 -13.28 -21.84 -26.78
C LYS A 336 -12.47 -21.01 -25.74
N ALA A 337 -12.47 -21.47 -24.46
CA ALA A 337 -11.75 -20.85 -23.36
C ALA A 337 -10.24 -20.86 -23.60
N LEU A 338 -9.70 -22.02 -24.09
CA LEU A 338 -8.27 -22.19 -24.37
C LEU A 338 -7.80 -21.30 -25.51
N GLU A 339 -8.69 -21.06 -26.50
CA GLU A 339 -8.46 -20.23 -27.68
C GLU A 339 -8.30 -18.78 -27.23
N LEU A 340 -9.22 -18.32 -26.37
CA LEU A 340 -9.21 -16.98 -25.82
C LEU A 340 -8.00 -16.75 -24.92
N CYS A 341 -7.61 -17.75 -24.10
CA CYS A 341 -6.41 -17.66 -23.25
C CYS A 341 -5.17 -17.42 -24.12
N GLU A 342 -5.09 -18.11 -25.29
CA GLU A 342 -3.99 -17.95 -26.22
C GLU A 342 -4.01 -16.60 -26.91
N ILE A 343 -5.20 -16.13 -27.37
CA ILE A 343 -5.39 -14.81 -28.00
C ILE A 343 -4.93 -13.69 -26.98
N LEU A 344 -5.34 -13.83 -25.70
CA LEU A 344 -4.97 -12.90 -24.62
C LEU A 344 -3.47 -12.91 -24.37
N ALA A 345 -2.87 -14.11 -24.24
CA ALA A 345 -1.44 -14.26 -23.97
C ALA A 345 -0.53 -13.77 -25.08
N LYS A 346 -0.92 -14.04 -26.34
CA LYS A 346 -0.09 -13.73 -27.52
C LYS A 346 -0.38 -12.41 -28.18
N GLU A 347 -1.62 -11.96 -28.14
CA GLU A 347 -2.02 -10.77 -28.85
C GLU A 347 -2.65 -9.63 -28.01
N LYS A 348 -3.82 -9.87 -27.42
CA LYS A 348 -4.62 -8.83 -26.78
C LYS A 348 -4.31 -8.40 -25.35
N ASP A 349 -3.52 -9.17 -24.61
CA ASP A 349 -3.22 -8.86 -23.21
C ASP A 349 -1.91 -9.50 -22.79
N THR A 350 -0.87 -9.31 -23.62
CA THR A 350 0.46 -9.91 -23.46
C THR A 350 1.17 -9.52 -22.15
N ILE A 351 0.78 -8.36 -21.53
CA ILE A 351 1.37 -7.97 -20.23
C ILE A 351 1.02 -9.07 -19.19
N ARG A 352 -0.16 -9.71 -19.37
CA ARG A 352 -0.67 -10.79 -18.51
C ARG A 352 -0.48 -12.22 -19.11
N LYS A 353 0.51 -12.37 -20.02
CA LYS A 353 0.85 -13.65 -20.67
C LYS A 353 1.01 -14.79 -19.66
N GLU A 354 1.71 -14.54 -18.51
CA GLU A 354 1.94 -15.57 -17.49
C GLU A 354 0.66 -15.99 -16.78
N TYR A 355 -0.26 -15.04 -16.57
CA TYR A 355 -1.53 -15.32 -15.96
C TYR A 355 -2.38 -16.16 -16.92
N TRP A 356 -2.55 -15.68 -18.18
CA TRP A 356 -3.33 -16.34 -19.22
C TRP A 356 -2.83 -17.73 -19.60
N ARG A 357 -1.51 -17.95 -19.57
CA ARG A 357 -0.92 -19.26 -19.81
C ARG A 357 -1.21 -20.16 -18.60
N TYR A 358 -1.15 -19.59 -17.37
CA TYR A 358 -1.49 -20.35 -16.17
C TYR A 358 -2.93 -20.79 -16.24
N ILE A 359 -3.86 -19.88 -16.60
CA ILE A 359 -5.30 -20.19 -16.72
C ILE A 359 -5.54 -21.33 -17.76
N GLY A 360 -4.84 -21.25 -18.89
CA GLY A 360 -4.93 -22.23 -19.97
C GLY A 360 -4.56 -23.61 -19.46
N ARG A 361 -3.39 -23.71 -18.82
CA ARG A 361 -2.87 -24.93 -18.24
C ARG A 361 -3.81 -25.48 -17.15
N SER A 362 -4.33 -24.58 -16.30
CA SER A 362 -5.25 -24.91 -15.19
C SER A 362 -6.55 -25.54 -15.70
N LEU A 363 -7.15 -24.93 -16.75
CA LEU A 363 -8.38 -25.36 -17.42
C LEU A 363 -8.20 -26.74 -18.06
N GLN A 364 -7.01 -26.97 -18.67
CA GLN A 364 -6.65 -28.22 -19.33
C GLN A 364 -6.53 -29.28 -18.27
N SER A 365 -5.75 -29.01 -17.21
CA SER A 365 -5.53 -29.91 -16.08
C SER A 365 -6.83 -30.39 -15.41
N LYS A 366 -7.85 -29.51 -15.35
CA LYS A 366 -9.13 -29.78 -14.69
C LYS A 366 -10.23 -30.34 -15.58
N HIS A 367 -10.33 -29.86 -16.82
CA HIS A 367 -11.46 -30.23 -17.68
C HIS A 367 -11.15 -30.97 -18.98
N SER A 368 -9.87 -31.38 -19.20
CA SER A 368 -9.37 -32.12 -20.39
C SER A 368 -10.36 -33.06 -21.05
N GLU B 21 12.27 -4.13 -30.24
CA GLU B 21 13.59 -4.77 -30.31
C GLU B 21 13.79 -5.82 -29.16
N PRO B 22 14.96 -6.10 -28.51
CA PRO B 22 14.96 -7.09 -27.41
C PRO B 22 14.29 -6.55 -26.12
N LEU B 23 13.88 -5.27 -26.11
CA LEU B 23 13.19 -4.67 -24.96
C LEU B 23 11.75 -4.55 -25.32
N TYR B 24 10.90 -5.26 -24.56
CA TYR B 24 9.45 -5.35 -24.71
C TYR B 24 8.78 -4.00 -24.89
N SER B 25 9.14 -3.00 -24.07
CA SER B 25 8.56 -1.65 -24.09
C SER B 25 8.91 -0.82 -25.31
N LEU B 26 9.96 -1.21 -26.04
CA LEU B 26 10.45 -0.50 -27.22
C LEU B 26 10.04 -1.14 -28.56
N ARG B 27 9.33 -2.29 -28.50
CA ARG B 27 8.85 -3.00 -29.71
C ARG B 27 7.79 -2.18 -30.43
N PRO B 28 7.76 -2.15 -31.79
CA PRO B 28 6.76 -1.33 -32.50
C PRO B 28 5.32 -1.61 -32.11
N GLU B 29 4.97 -2.89 -31.87
CA GLU B 29 3.63 -3.30 -31.44
C GLU B 29 3.22 -2.74 -30.06
N HIS B 30 4.19 -2.31 -29.23
CA HIS B 30 3.95 -1.76 -27.90
C HIS B 30 3.11 -0.48 -27.93
N ALA B 31 3.12 0.26 -29.07
CA ALA B 31 2.33 1.46 -29.30
C ALA B 31 0.82 1.15 -29.22
N ARG B 32 0.42 -0.08 -29.58
CA ARG B 32 -0.99 -0.54 -29.51
C ARG B 32 -1.52 -0.62 -28.06
N GLU B 33 -0.60 -0.62 -27.05
CA GLU B 33 -0.92 -0.69 -25.63
C GLU B 33 -1.35 0.66 -25.03
N ARG B 34 -1.29 1.76 -25.82
CA ARG B 34 -1.68 3.11 -25.37
C ARG B 34 -3.15 3.16 -25.00
N LEU B 35 -3.52 4.04 -24.04
CA LEU B 35 -4.91 4.19 -23.58
C LEU B 35 -5.91 4.40 -24.71
N GLN B 36 -7.06 3.72 -24.61
CA GLN B 36 -8.20 3.87 -25.50
C GLN B 36 -9.30 4.48 -24.64
N ASP B 37 -9.52 5.80 -24.78
CA ASP B 37 -10.48 6.55 -23.98
C ASP B 37 -11.93 6.53 -24.50
N ASP B 38 -12.17 5.81 -25.63
CA ASP B 38 -13.49 5.63 -26.27
C ASP B 38 -14.15 6.97 -26.62
N SER B 39 -13.34 8.01 -26.81
CA SER B 39 -13.75 9.40 -27.06
C SER B 39 -14.60 9.95 -25.90
N VAL B 40 -14.39 9.42 -24.67
CA VAL B 40 -15.09 9.86 -23.47
C VAL B 40 -13.98 10.24 -22.48
N GLU B 41 -13.71 11.55 -22.39
CA GLU B 41 -12.69 12.08 -21.53
C GLU B 41 -13.24 12.35 -20.13
N THR B 42 -12.49 11.93 -19.11
CA THR B 42 -12.78 12.20 -17.70
C THR B 42 -11.43 12.47 -17.06
N VAL B 43 -11.40 12.95 -15.81
CA VAL B 43 -10.17 13.21 -15.06
C VAL B 43 -9.24 11.99 -15.11
N THR B 44 -9.82 10.77 -14.93
CA THR B 44 -9.05 9.52 -14.96
C THR B 44 -8.30 9.32 -16.28
N SER B 45 -9.00 9.44 -17.42
CA SER B 45 -8.36 9.20 -18.72
C SER B 45 -7.32 10.28 -19.05
N ILE B 46 -7.64 11.52 -18.72
CA ILE B 46 -6.75 12.66 -18.92
C ILE B 46 -5.44 12.46 -18.15
N GLU B 47 -5.54 12.08 -16.86
CA GLU B 47 -4.33 11.88 -16.04
C GLU B 47 -3.53 10.70 -16.50
N GLN B 48 -4.20 9.61 -16.92
CA GLN B 48 -3.55 8.41 -17.46
C GLN B 48 -2.78 8.76 -18.77
N ALA B 49 -3.42 9.49 -19.70
CA ALA B 49 -2.84 9.87 -20.99
C ALA B 49 -1.61 10.72 -20.81
N LYS B 50 -1.61 11.61 -19.79
CA LYS B 50 -0.45 12.44 -19.46
C LYS B 50 0.74 11.58 -19.06
N VAL B 51 0.49 10.56 -18.21
CA VAL B 51 1.55 9.67 -17.74
C VAL B 51 2.12 8.88 -18.91
N GLU B 52 1.24 8.37 -19.78
CA GLU B 52 1.62 7.56 -20.92
C GLU B 52 2.49 8.33 -21.91
N GLU B 53 2.13 9.60 -22.19
CA GLU B 53 2.90 10.48 -23.06
C GLU B 53 4.31 10.71 -22.47
N LYS B 54 4.39 10.93 -21.16
CA LYS B 54 5.66 11.14 -20.47
C LYS B 54 6.56 9.87 -20.54
N ILE B 55 5.97 8.69 -20.30
CA ILE B 55 6.66 7.40 -20.36
C ILE B 55 7.10 7.08 -21.81
N GLN B 56 6.25 7.38 -22.80
CA GLN B 56 6.55 7.19 -24.23
C GLN B 56 7.78 8.03 -24.64
N GLU B 57 7.90 9.27 -24.12
CA GLU B 57 9.07 10.11 -24.35
C GLU B 57 10.32 9.45 -23.79
N VAL B 58 10.22 8.79 -22.61
CA VAL B 58 11.34 8.07 -22.00
C VAL B 58 11.73 6.85 -22.88
N PHE B 59 10.73 6.06 -23.28
CA PHE B 59 10.96 4.84 -24.09
C PHE B 59 11.61 5.17 -25.44
N SER B 60 11.18 6.28 -26.06
CA SER B 60 11.65 6.74 -27.37
C SER B 60 12.96 7.52 -27.38
N SER B 61 13.45 7.98 -26.21
CA SER B 61 14.67 8.78 -26.10
C SER B 61 15.85 8.18 -26.83
N TYR B 62 16.03 6.84 -26.77
CA TYR B 62 17.11 6.11 -27.45
C TYR B 62 16.98 6.29 -28.98
N LYS B 63 15.76 6.09 -29.52
CA LYS B 63 15.44 6.27 -30.93
C LYS B 63 15.71 7.71 -31.37
N PHE B 64 15.25 8.71 -30.59
CA PHE B 64 15.43 10.13 -30.95
C PHE B 64 16.87 10.65 -30.86
N ASN B 65 17.68 10.07 -29.95
CA ASN B 65 19.09 10.45 -29.78
C ASN B 65 20.06 9.57 -30.60
N HIS B 66 19.52 8.58 -31.34
CA HIS B 66 20.27 7.63 -32.20
C HIS B 66 21.35 6.87 -31.41
N LEU B 67 20.92 6.25 -30.30
CA LEU B 67 21.77 5.49 -29.40
C LEU B 67 21.18 4.10 -29.19
N VAL B 68 22.04 3.12 -28.91
CA VAL B 68 21.60 1.76 -28.63
C VAL B 68 21.11 1.74 -27.17
N PRO B 69 19.85 1.30 -26.90
CA PRO B 69 19.38 1.22 -25.50
C PRO B 69 20.32 0.41 -24.61
N ARG B 70 20.64 0.95 -23.43
CA ARG B 70 21.50 0.30 -22.45
C ARG B 70 20.83 0.45 -21.09
N LEU B 71 20.43 -0.67 -20.49
CA LEU B 71 19.73 -0.66 -19.21
C LEU B 71 20.69 -0.93 -18.09
N VAL B 72 21.05 0.14 -17.38
CA VAL B 72 22.01 0.09 -16.29
C VAL B 72 21.40 0.61 -14.97
N LEU B 73 21.48 -0.20 -13.92
CA LEU B 73 21.09 0.21 -12.59
C LEU B 73 22.31 1.01 -12.11
N GLN B 74 22.09 2.27 -11.75
CA GLN B 74 23.15 3.19 -11.31
C GLN B 74 23.61 2.96 -9.87
N ARG B 75 24.18 1.77 -9.64
CA ARG B 75 24.63 1.29 -8.32
C ARG B 75 25.41 2.26 -7.50
N GLU B 76 26.44 2.91 -8.10
CA GLU B 76 27.33 3.80 -7.39
C GLU B 76 26.63 5.07 -6.98
N LYS B 77 25.76 5.60 -7.86
CA LYS B 77 24.97 6.78 -7.57
C LYS B 77 23.97 6.46 -6.43
N HIS B 78 23.29 5.29 -6.52
CA HIS B 78 22.33 4.82 -5.49
C HIS B 78 23.06 4.60 -4.18
N PHE B 79 24.27 3.99 -4.23
CA PHE B 79 25.10 3.75 -3.04
C PHE B 79 25.48 5.06 -2.34
N HIS B 80 25.96 6.07 -3.10
CA HIS B 80 26.35 7.35 -2.52
C HIS B 80 25.17 8.00 -1.78
N TYR B 81 23.98 8.07 -2.45
CA TYR B 81 22.72 8.61 -1.92
C TYR B 81 22.37 7.93 -0.57
N LEU B 82 22.46 6.60 -0.55
CA LEU B 82 22.13 5.77 0.62
C LEU B 82 23.14 5.84 1.76
N LYS B 83 24.46 5.71 1.48
CA LYS B 83 25.47 5.77 2.55
C LYS B 83 25.45 7.12 3.25
N ARG B 84 25.17 8.20 2.50
CA ARG B 84 25.04 9.54 3.07
C ARG B 84 23.77 9.67 3.94
N GLY B 85 22.62 9.30 3.38
CA GLY B 85 21.33 9.35 4.07
C GLY B 85 21.29 8.57 5.38
N LEU B 86 22.07 7.47 5.47
CA LEU B 86 22.16 6.64 6.68
C LEU B 86 22.70 7.41 7.86
N ARG B 87 23.54 8.43 7.60
CA ARG B 87 24.09 9.24 8.67
C ARG B 87 23.38 10.55 8.81
N GLN B 88 23.10 11.22 7.68
CA GLN B 88 22.55 12.57 7.74
C GLN B 88 21.59 12.91 6.62
N LEU B 89 20.57 13.70 6.95
CA LEU B 89 19.53 14.11 6.00
C LEU B 89 19.24 15.59 6.09
N THR B 90 18.80 16.19 4.99
CA THR B 90 18.45 17.63 5.01
C THR B 90 17.05 17.81 5.66
N ASP B 91 16.64 19.07 5.87
CA ASP B 91 15.36 19.46 6.44
C ASP B 91 14.17 19.09 5.55
N ALA B 92 14.44 18.58 4.33
CA ALA B 92 13.39 18.12 3.43
C ALA B 92 12.77 16.87 4.06
N TYR B 93 13.54 16.20 4.96
CA TYR B 93 13.15 15.01 5.69
C TYR B 93 12.49 15.28 7.05
N GLU B 94 12.15 16.54 7.34
CA GLU B 94 11.44 16.91 8.59
C GLU B 94 10.08 16.20 8.68
N CYS B 95 9.43 15.95 7.51
CA CYS B 95 8.14 15.25 7.38
C CYS B 95 8.26 13.77 7.82
N LEU B 96 9.50 13.28 7.97
CA LEU B 96 9.81 11.91 8.37
C LEU B 96 10.50 11.82 9.74
N ASP B 97 10.40 12.91 10.54
CA ASP B 97 10.94 13.03 11.92
C ASP B 97 10.26 12.02 12.88
N ALA B 98 9.05 11.53 12.53
CA ALA B 98 8.34 10.51 13.33
C ALA B 98 8.42 9.15 12.60
N SER B 99 9.40 8.98 11.72
CA SER B 99 9.57 7.77 10.91
C SER B 99 11.03 7.37 10.80
N ARG B 100 11.81 7.69 11.80
CA ARG B 100 13.24 7.38 11.77
C ARG B 100 13.61 5.90 11.69
N PRO B 101 12.92 4.96 12.37
CA PRO B 101 13.23 3.54 12.13
C PRO B 101 12.89 3.15 10.67
N TRP B 102 11.89 3.81 10.03
CA TRP B 102 11.57 3.55 8.60
C TRP B 102 12.76 3.95 7.75
N LEU B 103 13.37 5.11 8.04
CA LEU B 103 14.57 5.56 7.29
C LEU B 103 15.71 4.56 7.47
N CYS B 104 15.89 4.00 8.70
CA CYS B 104 16.91 2.97 8.96
C CYS B 104 16.62 1.76 8.09
N TYR B 105 15.37 1.25 8.15
CA TYR B 105 14.98 0.09 7.36
C TYR B 105 15.11 0.32 5.85
N TRP B 106 14.52 1.41 5.33
CA TRP B 106 14.55 1.68 3.88
C TRP B 106 15.99 1.71 3.34
N ILE B 107 16.89 2.41 4.04
CA ILE B 107 18.31 2.58 3.63
C ILE B 107 19.09 1.29 3.80
N LEU B 108 19.06 0.67 5.01
CA LEU B 108 19.74 -0.61 5.27
C LEU B 108 19.29 -1.71 4.28
N HIS B 109 17.98 -1.77 3.95
CA HIS B 109 17.48 -2.77 2.99
C HIS B 109 17.92 -2.47 1.55
N SER B 110 17.92 -1.19 1.15
CA SER B 110 18.38 -0.83 -0.20
C SER B 110 19.90 -1.23 -0.36
N LEU B 111 20.71 -0.97 0.69
CA LEU B 111 22.14 -1.30 0.72
C LEU B 111 22.35 -2.80 0.70
N GLU B 112 21.46 -3.55 1.36
CA GLU B 112 21.48 -5.01 1.39
C GLU B 112 21.15 -5.58 -0.01
N LEU B 113 20.16 -4.99 -0.70
CA LEU B 113 19.80 -5.43 -2.05
C LEU B 113 20.94 -5.16 -3.04
N LEU B 114 21.70 -4.07 -2.81
CA LEU B 114 22.85 -3.66 -3.62
C LEU B 114 24.15 -4.37 -3.18
N ASP B 115 24.03 -5.35 -2.27
CA ASP B 115 25.14 -6.18 -1.78
C ASP B 115 26.25 -5.34 -1.10
N GLU B 116 25.85 -4.25 -0.44
CA GLU B 116 26.74 -3.34 0.24
C GLU B 116 26.83 -3.74 1.71
N PRO B 117 28.03 -4.00 2.26
CA PRO B 117 28.11 -4.43 3.66
C PRO B 117 27.96 -3.28 4.64
N ILE B 118 27.60 -3.62 5.89
CA ILE B 118 27.41 -2.66 6.97
C ILE B 118 28.65 -2.70 7.86
N PRO B 119 29.45 -1.60 7.90
CA PRO B 119 30.61 -1.59 8.81
C PRO B 119 30.12 -1.79 10.24
N GLN B 120 30.86 -2.56 11.03
CA GLN B 120 30.51 -2.90 12.40
C GLN B 120 30.19 -1.69 13.29
N ILE B 121 30.87 -0.55 13.04
CA ILE B 121 30.61 0.71 13.76
C ILE B 121 29.22 1.28 13.39
N VAL B 122 28.82 1.13 12.13
CA VAL B 122 27.53 1.59 11.61
C VAL B 122 26.42 0.71 12.25
N ALA B 123 26.59 -0.62 12.16
CA ALA B 123 25.72 -1.64 12.76
C ALA B 123 25.48 -1.29 14.23
N THR B 124 26.57 -1.02 15.00
CA THR B 124 26.45 -0.60 16.40
C THR B 124 25.72 0.74 16.59
N ASP B 125 25.99 1.74 15.73
CA ASP B 125 25.31 3.05 15.86
C ASP B 125 23.80 2.92 15.57
N VAL B 126 23.43 2.07 14.59
CA VAL B 126 22.01 1.80 14.28
C VAL B 126 21.35 1.13 15.49
N CYS B 127 21.97 0.07 16.06
CA CYS B 127 21.47 -0.63 17.26
C CYS B 127 21.18 0.32 18.38
N GLN B 128 22.15 1.20 18.72
CA GLN B 128 22.03 2.16 19.80
C GLN B 128 20.91 3.17 19.55
N PHE B 129 20.78 3.64 18.29
CA PHE B 129 19.73 4.61 17.96
C PHE B 129 18.33 3.96 18.11
N LEU B 130 18.18 2.72 17.63
CA LEU B 130 16.91 1.98 17.74
C LEU B 130 16.56 1.68 19.18
N GLU B 131 17.59 1.53 20.05
CA GLU B 131 17.41 1.37 21.49
C GLU B 131 16.73 2.60 22.04
N LEU B 132 17.14 3.79 21.57
CA LEU B 132 16.55 5.06 22.02
C LEU B 132 15.10 5.22 21.55
N CYS B 133 14.78 4.60 20.39
CA CYS B 133 13.44 4.63 19.82
C CYS B 133 12.52 3.64 20.56
N GLN B 134 13.10 2.61 21.21
CA GLN B 134 12.34 1.59 21.93
C GLN B 134 11.65 2.14 23.18
N SER B 135 10.36 1.86 23.32
CA SER B 135 9.55 2.33 24.44
C SER B 135 9.73 1.42 25.66
N PRO B 136 9.76 1.99 26.91
CA PRO B 136 9.87 1.10 28.10
C PRO B 136 8.72 0.08 28.21
N ASP B 137 7.54 0.41 27.64
CA ASP B 137 6.38 -0.49 27.61
C ASP B 137 6.25 -1.42 26.37
N GLY B 138 7.33 -1.57 25.60
CA GLY B 138 7.37 -2.42 24.42
C GLY B 138 7.08 -1.69 23.13
N GLY B 139 7.62 -2.22 22.04
CA GLY B 139 7.47 -1.59 20.74
C GLY B 139 8.46 -0.45 20.56
N PHE B 140 8.51 0.12 19.34
CA PHE B 140 9.40 1.22 18.98
C PHE B 140 8.56 2.38 18.51
N GLY B 141 9.05 3.59 18.80
CA GLY B 141 8.47 4.85 18.36
C GLY B 141 9.18 5.35 17.12
N GLY B 142 8.66 6.41 16.49
CA GLY B 142 9.24 6.97 15.28
C GLY B 142 10.55 7.75 15.46
N GLY B 143 11.02 7.82 16.71
CA GLY B 143 12.22 8.53 17.11
C GLY B 143 12.46 8.45 18.61
N PRO B 144 13.62 8.96 19.11
CA PRO B 144 13.91 8.84 20.55
C PRO B 144 12.85 9.51 21.42
N GLY B 145 12.29 8.74 22.37
CA GLY B 145 11.27 9.23 23.28
C GLY B 145 9.86 9.36 22.70
N GLN B 146 9.67 9.00 21.41
CA GLN B 146 8.35 9.06 20.82
C GLN B 146 7.54 7.85 21.29
N TYR B 147 6.21 7.99 21.36
CA TYR B 147 5.35 6.86 21.76
C TYR B 147 5.47 5.68 20.79
N PRO B 148 5.31 4.43 21.26
CA PRO B 148 5.46 3.29 20.33
C PRO B 148 4.34 3.23 19.29
N HIS B 149 4.62 2.64 18.14
CA HIS B 149 3.64 2.54 17.06
C HIS B 149 4.03 1.29 16.27
N LEU B 150 3.06 0.53 15.72
CA LEU B 150 3.38 -0.70 14.99
C LEU B 150 4.22 -0.54 13.73
N ALA B 151 4.06 0.60 12.99
CA ALA B 151 4.84 0.81 11.75
C ALA B 151 6.34 0.99 12.07
N PRO B 152 6.80 1.95 12.95
CA PRO B 152 8.25 1.99 13.30
C PRO B 152 8.67 0.73 14.07
N THR B 153 7.74 0.01 14.78
CA THR B 153 8.09 -1.27 15.45
C THR B 153 8.48 -2.29 14.36
N TYR B 154 7.67 -2.39 13.28
CA TYR B 154 7.97 -3.30 12.16
C TYR B 154 9.30 -2.96 11.49
N ALA B 155 9.50 -1.67 11.20
CA ALA B 155 10.72 -1.15 10.55
C ALA B 155 11.95 -1.42 11.40
N ALA B 156 11.86 -1.17 12.74
CA ALA B 156 12.99 -1.37 13.66
C ALA B 156 13.40 -2.83 13.77
N VAL B 157 12.41 -3.74 13.86
CA VAL B 157 12.69 -5.18 13.91
C VAL B 157 13.35 -5.62 12.60
N ASN B 158 12.82 -5.17 11.43
CA ASN B 158 13.39 -5.50 10.13
C ASN B 158 14.83 -5.00 9.99
N ALA B 159 15.09 -3.76 10.42
CA ALA B 159 16.43 -3.17 10.36
C ALA B 159 17.42 -3.95 11.27
N LEU B 160 17.00 -4.26 12.54
CA LEU B 160 17.80 -5.04 13.46
C LEU B 160 18.10 -6.44 12.91
N CYS B 161 17.13 -7.05 12.18
CA CYS B 161 17.30 -8.35 11.52
C CYS B 161 18.22 -8.29 10.29
N ILE B 162 18.25 -7.15 9.58
CA ILE B 162 19.18 -6.96 8.45
C ILE B 162 20.63 -6.90 9.04
N ILE B 163 20.83 -6.20 10.16
CA ILE B 163 22.14 -6.13 10.82
C ILE B 163 22.49 -7.58 11.24
N GLY B 164 21.58 -8.23 11.98
CA GLY B 164 21.67 -9.63 12.31
C GLY B 164 22.77 -10.07 13.27
N THR B 165 23.32 -9.15 14.02
CA THR B 165 24.34 -9.49 15.01
C THR B 165 23.66 -9.79 16.33
N GLU B 166 24.41 -10.33 17.30
CA GLU B 166 23.92 -10.63 18.64
C GLU B 166 23.44 -9.37 19.30
N GLU B 167 24.20 -8.29 19.16
CA GLU B 167 23.88 -6.96 19.68
C GLU B 167 22.52 -6.47 19.13
N ALA B 168 22.29 -6.61 17.81
CA ALA B 168 21.04 -6.17 17.17
C ALA B 168 19.85 -6.96 17.70
N TYR B 169 19.98 -8.32 17.75
CA TYR B 169 18.91 -9.19 18.28
C TYR B 169 18.60 -8.84 19.74
N ASN B 170 19.64 -8.61 20.56
CA ASN B 170 19.49 -8.24 21.98
C ASN B 170 18.83 -6.93 22.26
N VAL B 171 18.76 -6.03 21.26
CA VAL B 171 18.10 -4.72 21.43
C VAL B 171 16.62 -4.94 21.79
N ILE B 172 15.96 -5.85 21.07
CA ILE B 172 14.52 -6.11 21.22
C ILE B 172 14.13 -6.66 22.59
N ASN B 173 13.29 -5.92 23.32
CA ASN B 173 12.71 -6.40 24.56
C ASN B 173 11.47 -7.23 24.15
N ARG B 174 11.65 -8.56 24.03
CA ARG B 174 10.63 -9.52 23.62
C ARG B 174 9.39 -9.62 24.54
N GLU B 175 9.60 -9.56 25.86
CA GLU B 175 8.53 -9.60 26.87
C GLU B 175 7.65 -8.38 26.76
N LYS B 176 8.27 -7.19 26.66
CA LYS B 176 7.49 -5.97 26.52
C LYS B 176 6.87 -5.88 25.11
N LEU B 177 7.56 -6.43 24.10
CA LEU B 177 7.02 -6.44 22.74
C LEU B 177 5.68 -7.22 22.70
N LEU B 178 5.65 -8.42 23.34
CA LEU B 178 4.45 -9.25 23.43
C LEU B 178 3.34 -8.53 24.18
N GLN B 179 3.68 -7.88 25.31
CA GLN B 179 2.78 -7.05 26.11
C GLN B 179 2.20 -5.97 25.24
N TYR B 180 3.07 -5.28 24.48
CA TYR B 180 2.66 -4.21 23.57
C TYR B 180 1.65 -4.74 22.54
N LEU B 181 1.93 -5.89 21.90
CA LEU B 181 1.02 -6.49 20.89
C LEU B 181 -0.34 -6.82 21.49
N TYR B 182 -0.37 -7.42 22.70
CA TYR B 182 -1.61 -7.72 23.44
C TYR B 182 -2.43 -6.47 23.73
N SER B 183 -1.77 -5.34 24.06
CA SER B 183 -2.42 -4.06 24.34
C SER B 183 -3.13 -3.47 23.12
N LEU B 184 -2.67 -3.84 21.92
CA LEU B 184 -3.25 -3.33 20.68
C LEU B 184 -4.33 -4.27 20.11
N LYS B 185 -4.28 -5.56 20.49
CA LYS B 185 -5.21 -6.60 20.04
C LYS B 185 -6.67 -6.22 20.34
N GLN B 186 -7.56 -6.34 19.34
CA GLN B 186 -8.97 -6.03 19.47
C GLN B 186 -9.80 -7.31 19.52
N PRO B 187 -10.98 -7.28 20.17
CA PRO B 187 -11.82 -8.51 20.23
C PRO B 187 -12.22 -9.07 18.84
N ASP B 188 -12.38 -8.21 17.79
CA ASP B 188 -12.75 -8.65 16.43
C ASP B 188 -11.60 -9.29 15.60
N GLY B 189 -10.42 -9.45 16.21
CA GLY B 189 -9.24 -10.02 15.58
C GLY B 189 -8.26 -9.01 15.03
N SER B 190 -8.67 -7.75 14.92
CA SER B 190 -7.82 -6.68 14.40
C SER B 190 -6.82 -6.13 15.45
N PHE B 191 -5.91 -5.26 15.02
CA PHE B 191 -4.93 -4.60 15.88
C PHE B 191 -4.97 -3.11 15.66
N LEU B 192 -4.83 -2.34 16.75
CA LEU B 192 -4.69 -0.90 16.65
C LEU B 192 -3.24 -0.65 16.17
N MET B 193 -2.99 0.46 15.42
CA MET B 193 -1.62 0.80 14.98
C MET B 193 -0.80 1.25 16.21
N HIS B 194 -1.49 1.86 17.18
CA HIS B 194 -0.98 2.36 18.47
C HIS B 194 -2.20 2.59 19.42
N VAL B 195 -1.96 2.78 20.73
CA VAL B 195 -2.99 3.04 21.73
C VAL B 195 -3.65 4.39 21.34
N GLY B 196 -4.98 4.41 21.33
CA GLY B 196 -5.75 5.58 20.91
C GLY B 196 -5.61 5.89 19.42
N GLY B 197 -5.25 4.86 18.64
CA GLY B 197 -5.04 4.98 17.21
C GLY B 197 -6.07 4.21 16.42
N GLU B 198 -5.81 3.99 15.14
CA GLU B 198 -6.78 3.26 14.34
C GLU B 198 -6.35 1.90 13.87
N VAL B 199 -7.34 1.14 13.41
CA VAL B 199 -7.19 -0.19 12.87
C VAL B 199 -7.13 -0.12 11.34
N ASP B 200 -6.25 -0.94 10.76
CA ASP B 200 -6.15 -1.20 9.32
C ASP B 200 -5.34 -2.46 9.10
N VAL B 201 -5.41 -3.07 7.90
CA VAL B 201 -4.70 -4.32 7.57
C VAL B 201 -3.18 -4.24 7.80
N ARG B 202 -2.57 -3.05 7.69
CA ARG B 202 -1.12 -2.89 7.93
C ARG B 202 -0.76 -3.37 9.34
N SER B 203 -1.60 -3.06 10.34
CA SER B 203 -1.33 -3.40 11.74
C SER B 203 -1.24 -4.90 11.97
N ALA B 204 -2.06 -5.69 11.24
CA ALA B 204 -2.06 -7.17 11.35
C ALA B 204 -0.75 -7.68 10.81
N TYR B 205 -0.29 -7.13 9.67
CA TYR B 205 1.01 -7.47 9.07
C TYR B 205 2.18 -7.06 9.97
N CYS B 206 2.20 -5.82 10.49
CA CYS B 206 3.28 -5.35 11.36
C CYS B 206 3.40 -6.26 12.58
N ALA B 207 2.25 -6.63 13.21
CA ALA B 207 2.20 -7.52 14.39
C ALA B 207 2.71 -8.93 14.08
N ALA B 208 2.21 -9.53 12.98
CA ALA B 208 2.57 -10.89 12.54
C ALA B 208 4.06 -10.99 12.17
N SER B 209 4.60 -9.98 11.47
CA SER B 209 6.01 -9.93 11.07
C SER B 209 6.93 -9.90 12.31
N VAL B 210 6.74 -8.94 13.23
CA VAL B 210 7.57 -8.83 14.42
C VAL B 210 7.43 -10.04 15.36
N ALA B 211 6.18 -10.54 15.52
CA ALA B 211 5.87 -11.66 16.42
C ALA B 211 6.46 -12.95 15.91
N SER B 212 6.42 -13.20 14.58
CA SER B 212 7.01 -14.43 14.02
C SER B 212 8.52 -14.39 14.03
N LEU B 213 9.11 -13.24 13.62
CA LEU B 213 10.57 -13.09 13.63
C LEU B 213 11.18 -13.29 15.04
N THR B 214 10.56 -12.70 16.08
CA THR B 214 11.09 -12.74 17.45
C THR B 214 10.61 -13.92 18.29
N ASN B 215 9.84 -14.84 17.69
CA ASN B 215 9.29 -16.02 18.38
C ASN B 215 8.50 -15.66 19.67
N ILE B 216 7.49 -14.79 19.51
CA ILE B 216 6.64 -14.37 20.64
C ILE B 216 5.15 -14.72 20.40
N ILE B 217 4.86 -15.52 19.34
CA ILE B 217 3.49 -15.90 19.02
C ILE B 217 2.95 -16.90 20.06
N THR B 218 1.98 -16.47 20.84
CA THR B 218 1.30 -17.29 21.84
C THR B 218 0.09 -17.95 21.12
N PRO B 219 -0.56 -18.97 21.73
CA PRO B 219 -1.70 -19.62 21.05
C PRO B 219 -2.90 -18.71 20.73
N ASP B 220 -3.15 -17.69 21.55
CA ASP B 220 -4.31 -16.81 21.32
C ASP B 220 -3.99 -15.42 20.73
N LEU B 221 -2.70 -15.04 20.60
CA LEU B 221 -2.32 -13.70 20.10
C LEU B 221 -3.05 -13.28 18.82
N PHE B 222 -3.07 -14.18 17.82
CA PHE B 222 -3.69 -13.96 16.52
C PHE B 222 -5.06 -14.56 16.33
N GLU B 223 -5.76 -14.80 17.47
CA GLU B 223 -7.11 -15.35 17.40
C GLU B 223 -8.04 -14.37 16.70
N GLY B 224 -8.69 -14.84 15.65
CA GLY B 224 -9.61 -14.01 14.86
C GLY B 224 -8.97 -13.09 13.84
N THR B 225 -7.63 -13.03 13.79
CA THR B 225 -6.93 -12.12 12.88
C THR B 225 -7.11 -12.49 11.42
N ALA B 226 -6.95 -13.78 11.09
CA ALA B 226 -7.14 -14.26 9.72
C ALA B 226 -8.54 -13.92 9.22
N GLU B 227 -9.55 -14.11 10.08
CA GLU B 227 -10.95 -13.86 9.77
C GLU B 227 -11.22 -12.37 9.54
N TRP B 228 -10.58 -11.49 10.33
CA TRP B 228 -10.71 -10.06 10.15
C TRP B 228 -10.09 -9.65 8.82
N ILE B 229 -8.86 -10.15 8.50
CA ILE B 229 -8.17 -9.84 7.22
C ILE B 229 -9.04 -10.29 6.05
N ALA B 230 -9.62 -11.52 6.15
CA ALA B 230 -10.49 -12.05 5.09
C ALA B 230 -11.71 -11.14 4.86
N ARG B 231 -12.21 -10.46 5.91
CA ARG B 231 -13.33 -9.51 5.77
C ARG B 231 -12.90 -8.24 4.96
N CYS B 232 -11.56 -7.99 4.84
CA CYS B 232 -11.06 -6.85 4.04
C CYS B 232 -10.95 -7.17 2.55
N GLN B 233 -11.06 -8.46 2.17
CA GLN B 233 -11.08 -8.82 0.74
C GLN B 233 -12.46 -8.43 0.20
N ASN B 234 -12.49 -7.65 -0.89
CA ASN B 234 -13.77 -7.17 -1.44
C ASN B 234 -14.16 -7.77 -2.79
N TRP B 235 -15.23 -7.19 -3.40
CA TRP B 235 -15.81 -7.56 -4.69
C TRP B 235 -14.79 -7.50 -5.82
N GLU B 236 -13.70 -6.71 -5.65
CA GLU B 236 -12.65 -6.58 -6.69
C GLU B 236 -11.66 -7.76 -6.68
N GLY B 237 -11.53 -8.46 -5.56
CA GLY B 237 -10.56 -9.54 -5.42
C GLY B 237 -9.39 -9.15 -4.55
N GLY B 238 -9.06 -7.86 -4.52
CA GLY B 238 -7.97 -7.36 -3.69
C GLY B 238 -8.45 -7.09 -2.27
N ILE B 239 -7.60 -6.44 -1.47
CA ILE B 239 -7.88 -6.15 -0.05
C ILE B 239 -7.85 -4.64 0.27
N GLY B 240 -8.88 -4.18 0.98
CA GLY B 240 -8.99 -2.79 1.42
C GLY B 240 -8.36 -2.60 2.78
N GLY B 241 -8.14 -1.35 3.21
CA GLY B 241 -7.52 -1.06 4.50
C GLY B 241 -8.31 -1.59 5.68
N VAL B 242 -9.63 -1.50 5.56
CA VAL B 242 -10.60 -2.00 6.55
C VAL B 242 -11.79 -2.57 5.73
N PRO B 243 -12.69 -3.39 6.33
CA PRO B 243 -13.84 -3.92 5.56
C PRO B 243 -14.70 -2.80 4.96
N GLY B 244 -15.06 -2.98 3.69
CA GLY B 244 -15.87 -2.06 2.91
C GLY B 244 -15.05 -1.23 1.93
N MET B 245 -13.74 -1.09 2.19
CA MET B 245 -12.84 -0.24 1.39
C MET B 245 -12.32 -0.82 0.09
N GLU B 246 -12.00 0.10 -0.84
CA GLU B 246 -11.49 -0.19 -2.16
C GLU B 246 -10.19 -1.00 -2.02
N ALA B 247 -10.03 -2.02 -2.87
CA ALA B 247 -8.83 -2.86 -2.89
C ALA B 247 -7.61 -2.00 -3.23
N HIS B 248 -6.53 -2.15 -2.48
CA HIS B 248 -5.31 -1.34 -2.66
C HIS B 248 -4.09 -2.21 -2.49
N GLY B 249 -3.10 -2.03 -3.36
CA GLY B 249 -1.88 -2.83 -3.35
C GLY B 249 -1.10 -2.94 -2.06
N GLY B 250 -0.99 -1.83 -1.32
CA GLY B 250 -0.27 -1.83 -0.05
C GLY B 250 -0.94 -2.69 1.01
N TYR B 251 -2.27 -2.54 1.15
CA TYR B 251 -3.08 -3.33 2.08
C TYR B 251 -3.20 -4.76 1.62
N THR B 252 -3.24 -5.01 0.30
CA THR B 252 -3.37 -6.37 -0.22
C THR B 252 -2.08 -7.15 0.11
N PHE B 253 -0.91 -6.51 -0.04
CA PHE B 253 0.35 -7.16 0.30
C PHE B 253 0.33 -7.48 1.80
N CYS B 254 -0.05 -6.49 2.65
CA CYS B 254 -0.10 -6.65 4.11
C CYS B 254 -1.02 -7.80 4.52
N GLY B 255 -2.20 -7.86 3.90
CA GLY B 255 -3.20 -8.89 4.18
C GLY B 255 -2.73 -10.28 3.82
N LEU B 256 -2.27 -10.47 2.57
CA LEU B 256 -1.77 -11.78 2.15
C LEU B 256 -0.50 -12.19 2.90
N ALA B 257 0.49 -11.28 3.06
CA ALA B 257 1.74 -11.62 3.78
C ALA B 257 1.46 -12.03 5.24
N ALA B 258 0.52 -11.33 5.93
CA ALA B 258 0.14 -11.66 7.32
C ALA B 258 -0.48 -13.08 7.35
N LEU B 259 -1.34 -13.40 6.38
CA LEU B 259 -1.99 -14.73 6.30
C LEU B 259 -0.98 -15.83 6.00
N VAL B 260 0.06 -15.53 5.21
CA VAL B 260 1.14 -16.50 4.94
C VAL B 260 1.83 -16.80 6.26
N ILE B 261 2.18 -15.76 7.06
CA ILE B 261 2.81 -15.92 8.37
C ILE B 261 1.97 -16.84 9.30
N LEU B 262 0.67 -16.60 9.32
CA LEU B 262 -0.30 -17.31 10.16
C LEU B 262 -0.69 -18.67 9.58
N LYS B 263 -0.29 -18.96 8.33
CA LYS B 263 -0.61 -20.19 7.59
C LYS B 263 -2.13 -20.30 7.38
N LYS B 264 -2.73 -19.17 7.03
CA LYS B 264 -4.16 -19.03 6.83
C LYS B 264 -4.56 -18.39 5.51
N GLU B 265 -3.68 -18.48 4.49
CA GLU B 265 -3.91 -17.95 3.12
C GLU B 265 -5.24 -18.42 2.54
N ARG B 266 -5.66 -19.66 2.91
CA ARG B 266 -6.91 -20.29 2.47
C ARG B 266 -8.16 -19.51 2.89
N SER B 267 -8.07 -18.64 3.91
CA SER B 267 -9.20 -17.80 4.35
C SER B 267 -9.62 -16.81 3.25
N LEU B 268 -8.76 -16.59 2.25
CA LEU B 268 -9.05 -15.69 1.13
C LEU B 268 -9.45 -16.47 -0.09
N ASN B 269 -10.15 -15.80 -1.01
CA ASN B 269 -10.41 -16.34 -2.33
C ASN B 269 -9.11 -15.98 -3.13
N LEU B 270 -8.20 -16.96 -3.22
CA LEU B 270 -6.90 -16.77 -3.88
C LEU B 270 -6.94 -16.48 -5.37
N LYS B 271 -7.98 -17.01 -6.07
CA LYS B 271 -8.15 -16.80 -7.51
C LYS B 271 -8.65 -15.41 -7.84
N SER B 272 -9.60 -14.86 -7.08
CA SER B 272 -10.06 -13.50 -7.35
C SER B 272 -8.91 -12.50 -7.00
N LEU B 273 -8.08 -12.83 -5.97
CA LEU B 273 -6.89 -12.03 -5.58
C LEU B 273 -5.84 -12.09 -6.74
N LEU B 274 -5.58 -13.30 -7.28
CA LEU B 274 -4.63 -13.47 -8.37
C LEU B 274 -5.09 -12.65 -9.59
N GLN B 275 -6.36 -12.73 -9.96
CA GLN B 275 -6.86 -11.98 -11.10
C GLN B 275 -6.74 -10.45 -10.83
N TRP B 276 -7.07 -10.01 -9.62
CA TRP B 276 -6.97 -8.58 -9.27
C TRP B 276 -5.53 -8.06 -9.36
N VAL B 277 -4.54 -8.74 -8.75
CA VAL B 277 -3.15 -8.24 -8.77
C VAL B 277 -2.53 -8.22 -10.19
N THR B 278 -2.77 -9.29 -10.96
CA THR B 278 -2.23 -9.37 -12.32
C THR B 278 -2.80 -8.26 -13.20
N SER B 279 -4.07 -7.88 -12.95
CA SER B 279 -4.75 -6.78 -13.65
C SER B 279 -4.12 -5.41 -13.29
N ARG B 280 -3.37 -5.32 -12.19
CA ARG B 280 -2.78 -4.04 -11.76
C ARG B 280 -1.50 -3.68 -12.55
N GLN B 281 -0.90 -4.64 -13.29
CA GLN B 281 0.28 -4.31 -14.11
C GLN B 281 -0.22 -3.52 -15.31
N MET B 282 0.44 -2.38 -15.59
CA MET B 282 0.00 -1.48 -16.66
C MET B 282 0.49 -2.00 -18.01
N ARG B 283 -0.43 -2.28 -18.95
CA ARG B 283 -0.05 -2.80 -20.29
C ARG B 283 0.99 -1.89 -21.01
N PHE B 284 0.86 -0.58 -20.83
CA PHE B 284 1.80 0.33 -21.49
C PHE B 284 3.05 0.57 -20.69
N GLU B 285 2.93 1.11 -19.46
CA GLU B 285 4.08 1.46 -18.63
C GLU B 285 4.93 0.27 -18.21
N GLY B 286 4.30 -0.87 -17.94
CA GLY B 286 5.03 -2.07 -17.50
C GLY B 286 5.11 -2.18 -15.98
N GLY B 287 4.98 -1.05 -15.29
CA GLY B 287 4.96 -1.03 -13.84
C GLY B 287 3.56 -1.34 -13.31
N PHE B 288 3.36 -1.22 -12.01
CA PHE B 288 2.05 -1.48 -11.39
C PHE B 288 1.40 -0.22 -10.81
N GLN B 289 0.07 -0.17 -10.88
CA GLN B 289 -0.76 0.86 -10.25
C GLN B 289 -1.19 0.28 -8.86
N GLY B 290 -1.62 1.14 -7.94
CA GLY B 290 -2.04 0.75 -6.59
C GLY B 290 -3.46 0.25 -6.52
N ARG B 291 -4.30 0.76 -7.40
CA ARG B 291 -5.71 0.39 -7.45
C ARG B 291 -6.21 0.60 -8.85
N CYS B 292 -7.33 -0.01 -9.18
CA CYS B 292 -7.91 0.10 -10.51
C CYS B 292 -8.18 1.56 -10.91
N ASN B 293 -7.78 1.94 -12.14
CA ASN B 293 -7.98 3.28 -12.71
C ASN B 293 -7.17 4.42 -12.05
N LYS B 294 -6.10 4.05 -11.32
CA LYS B 294 -5.17 5.04 -10.78
C LYS B 294 -3.85 4.91 -11.53
N LEU B 295 -2.84 5.65 -11.15
CA LEU B 295 -1.60 5.70 -11.91
C LEU B 295 -0.51 4.72 -11.52
N VAL B 296 0.36 4.39 -12.50
CA VAL B 296 1.55 3.55 -12.26
C VAL B 296 2.40 4.24 -11.17
N ASP B 297 3.14 3.47 -10.40
CA ASP B 297 4.06 3.99 -9.37
C ASP B 297 5.09 2.93 -9.06
N GLY B 298 6.35 3.33 -9.12
CA GLY B 298 7.48 2.46 -8.81
C GLY B 298 7.41 1.71 -7.50
N CYS B 299 6.83 2.29 -6.42
CA CYS B 299 6.77 1.53 -5.15
C CYS B 299 5.88 0.27 -5.24
N TYR B 300 4.87 0.27 -6.15
CA TYR B 300 4.00 -0.90 -6.35
C TYR B 300 4.72 -2.03 -7.01
N SER B 301 5.98 -1.77 -7.45
CA SER B 301 6.87 -2.82 -8.01
C SER B 301 7.05 -3.85 -6.89
N PHE B 302 7.11 -3.42 -5.60
CA PHE B 302 7.18 -4.40 -4.52
C PHE B 302 5.77 -4.82 -4.03
N TRP B 303 4.97 -3.84 -3.54
CA TRP B 303 3.63 -4.12 -2.98
C TRP B 303 2.77 -5.00 -3.85
N GLN B 304 2.69 -4.69 -5.14
CA GLN B 304 1.88 -5.49 -6.06
C GLN B 304 2.62 -6.74 -6.59
N ALA B 305 3.83 -6.59 -7.17
CA ALA B 305 4.52 -7.76 -7.71
C ALA B 305 4.93 -8.77 -6.68
N GLY B 306 5.19 -8.33 -5.44
CA GLY B 306 5.53 -9.17 -4.29
C GLY B 306 4.41 -10.13 -3.90
N LEU B 307 3.17 -9.84 -4.35
CA LEU B 307 2.02 -10.72 -4.14
C LEU B 307 2.13 -12.02 -4.98
N LEU B 308 2.79 -11.95 -6.15
CA LEU B 308 2.95 -13.10 -7.04
C LEU B 308 3.76 -14.25 -6.42
N PRO B 309 4.94 -14.04 -5.78
CA PRO B 309 5.61 -15.15 -5.08
C PRO B 309 4.78 -15.71 -3.92
N LEU B 310 4.08 -14.83 -3.15
CA LEU B 310 3.21 -15.25 -2.05
C LEU B 310 2.06 -16.14 -2.58
N LEU B 311 1.45 -15.76 -3.70
CA LEU B 311 0.36 -16.53 -4.31
C LEU B 311 0.91 -17.85 -4.88
N HIS B 312 2.12 -17.82 -5.46
CA HIS B 312 2.79 -18.99 -6.02
C HIS B 312 2.99 -20.02 -4.88
N ARG B 313 3.59 -19.59 -3.76
CA ARG B 313 3.80 -20.40 -2.57
C ARG B 313 2.47 -20.96 -2.04
N ALA B 314 1.44 -20.10 -1.91
CA ALA B 314 0.10 -20.52 -1.45
C ALA B 314 -0.54 -21.56 -2.37
N LEU B 315 -0.54 -21.33 -3.69
CA LEU B 315 -1.14 -22.27 -4.63
C LEU B 315 -0.40 -23.60 -4.71
N HIS B 316 0.94 -23.56 -4.63
CA HIS B 316 1.83 -24.71 -4.62
C HIS B 316 1.57 -25.59 -3.39
N ALA B 317 1.29 -24.98 -2.22
CA ALA B 317 1.00 -25.68 -0.98
C ALA B 317 -0.31 -26.47 -1.09
N GLN B 318 -1.21 -26.02 -1.98
CA GLN B 318 -2.49 -26.66 -2.31
C GLN B 318 -2.26 -27.70 -3.42
N GLY B 319 -1.01 -27.87 -3.84
CA GLY B 319 -0.61 -28.79 -4.89
C GLY B 319 -1.16 -28.46 -6.26
N ASP B 320 -1.15 -27.16 -6.63
CA ASP B 320 -1.61 -26.71 -7.94
C ASP B 320 -0.63 -27.23 -9.01
N PRO B 321 -1.09 -28.07 -9.96
CA PRO B 321 -0.16 -28.62 -10.97
C PRO B 321 0.15 -27.70 -12.16
N ALA B 322 -0.67 -26.63 -12.37
CA ALA B 322 -0.56 -25.73 -13.52
C ALA B 322 0.40 -24.54 -13.37
N LEU B 323 1.04 -24.38 -12.19
CA LEU B 323 1.97 -23.28 -11.88
C LEU B 323 3.24 -23.37 -12.72
N SER B 324 3.82 -22.20 -13.07
CA SER B 324 5.07 -22.13 -13.83
C SER B 324 6.22 -22.66 -13.00
N MET B 325 7.24 -23.18 -13.67
CA MET B 325 8.44 -23.71 -13.04
C MET B 325 9.62 -22.79 -13.24
N SER B 326 9.40 -21.59 -13.87
CA SER B 326 10.47 -20.64 -14.15
C SER B 326 10.12 -19.15 -13.95
N HIS B 327 8.82 -18.78 -13.99
CA HIS B 327 8.41 -17.37 -13.87
C HIS B 327 7.28 -17.12 -12.88
N TRP B 328 7.25 -15.88 -12.32
CA TRP B 328 6.14 -15.43 -11.48
C TRP B 328 5.01 -15.08 -12.44
N MET B 329 3.78 -14.97 -11.93
CA MET B 329 2.63 -14.65 -12.77
C MET B 329 2.43 -13.17 -13.10
N PHE B 330 3.52 -12.49 -13.47
CA PHE B 330 3.47 -11.11 -13.95
C PHE B 330 4.59 -10.95 -14.99
N HIS B 331 4.57 -9.86 -15.77
CA HIS B 331 5.60 -9.67 -16.80
C HIS B 331 6.84 -9.14 -16.11
N GLN B 332 7.76 -10.05 -15.74
CA GLN B 332 9.01 -9.72 -15.05
C GLN B 332 9.86 -8.75 -15.87
N GLN B 333 9.92 -8.96 -17.18
CA GLN B 333 10.70 -8.14 -18.11
C GLN B 333 10.19 -6.71 -18.17
N ALA B 334 8.88 -6.50 -18.44
CA ALA B 334 8.23 -5.17 -18.54
C ALA B 334 8.36 -4.39 -17.23
N LEU B 335 8.27 -5.07 -16.06
CA LEU B 335 8.46 -4.38 -14.79
C LEU B 335 9.92 -3.92 -14.65
N GLN B 336 10.91 -4.78 -14.93
CA GLN B 336 12.32 -4.36 -14.87
C GLN B 336 12.59 -3.15 -15.79
N GLU B 337 12.00 -3.17 -16.99
CA GLU B 337 12.13 -2.11 -17.98
C GLU B 337 11.57 -0.78 -17.45
N TYR B 338 10.35 -0.81 -16.83
CA TYR B 338 9.77 0.37 -16.22
C TYR B 338 10.68 0.93 -15.13
N ILE B 339 11.19 0.07 -14.21
CA ILE B 339 12.05 0.52 -13.11
C ILE B 339 13.37 1.12 -13.64
N LEU B 340 14.07 0.34 -14.49
CA LEU B 340 15.38 0.73 -15.04
C LEU B 340 15.33 1.97 -15.93
N MET B 341 14.34 2.07 -16.81
CA MET B 341 14.19 3.21 -17.72
C MET B 341 13.51 4.43 -17.11
N CYS B 342 12.47 4.24 -16.25
CA CYS B 342 11.68 5.35 -15.71
C CYS B 342 11.86 5.75 -14.28
N CYS B 343 12.37 4.85 -13.42
CA CYS B 343 12.40 5.11 -11.98
C CYS B 343 13.74 5.47 -11.37
N GLN B 344 14.79 5.66 -12.19
CA GLN B 344 16.07 6.00 -11.59
C GLN B 344 16.31 7.50 -11.65
N CYS B 345 16.71 8.08 -10.53
CA CYS B 345 17.08 9.47 -10.51
C CYS B 345 18.56 9.53 -10.97
N PRO B 346 18.92 10.42 -11.94
CA PRO B 346 20.31 10.48 -12.43
C PRO B 346 21.35 10.73 -11.33
N ALA B 347 20.97 11.52 -10.31
CA ALA B 347 21.81 11.83 -9.15
C ALA B 347 21.90 10.65 -8.10
N GLY B 348 21.14 9.57 -8.31
CA GLY B 348 21.08 8.46 -7.37
C GLY B 348 19.75 8.47 -6.63
N GLY B 349 19.24 7.29 -6.31
CA GLY B 349 17.93 7.14 -5.69
C GLY B 349 16.89 6.78 -6.72
N LEU B 350 15.75 6.25 -6.25
CA LEU B 350 14.69 5.85 -7.17
C LEU B 350 13.39 6.59 -6.86
N LEU B 351 12.45 6.55 -7.79
CA LEU B 351 11.24 7.32 -7.66
C LEU B 351 9.98 6.64 -8.13
N ASP B 352 8.85 7.31 -7.90
CA ASP B 352 7.51 6.86 -8.27
C ASP B 352 7.40 6.74 -9.80
N LYS B 353 7.59 7.86 -10.51
CA LYS B 353 7.48 7.90 -11.97
C LYS B 353 8.31 9.10 -12.49
N PRO B 354 8.59 9.22 -13.81
CA PRO B 354 9.36 10.39 -14.28
C PRO B 354 8.68 11.72 -13.91
N GLY B 355 9.47 12.65 -13.42
CA GLY B 355 8.96 13.97 -13.01
C GLY B 355 8.84 14.12 -11.50
N LYS B 356 8.85 12.97 -10.77
CA LYS B 356 8.75 12.95 -9.32
C LYS B 356 10.16 13.00 -8.75
N SER B 357 10.30 13.46 -7.51
CA SER B 357 11.61 13.53 -6.89
C SER B 357 11.92 12.23 -6.13
N ARG B 358 13.22 11.92 -6.01
CA ARG B 358 13.70 10.73 -5.33
C ARG B 358 13.38 10.79 -3.84
N ASP B 359 13.29 9.62 -3.19
CA ASP B 359 13.11 9.51 -1.75
C ASP B 359 13.57 8.12 -1.34
N PHE B 360 13.84 7.93 -0.05
CA PHE B 360 14.34 6.62 0.41
C PHE B 360 13.28 5.52 0.38
N TYR B 361 11.98 5.89 0.51
CA TYR B 361 10.87 4.94 0.45
C TYR B 361 10.82 4.33 -0.98
N HIS B 362 10.79 5.16 -2.02
CA HIS B 362 10.81 4.68 -3.41
C HIS B 362 12.09 3.96 -3.76
N THR B 363 13.22 4.39 -3.19
CA THR B 363 14.50 3.70 -3.44
C THR B 363 14.37 2.26 -2.93
N CYS B 364 13.90 2.10 -1.69
CA CYS B 364 13.70 0.78 -1.07
C CYS B 364 12.79 -0.11 -1.89
N TYR B 365 11.57 0.37 -2.22
CA TYR B 365 10.55 -0.43 -2.92
C TYR B 365 10.77 -0.67 -4.39
N CYS B 366 11.38 0.30 -5.10
CA CYS B 366 11.72 0.07 -6.53
C CYS B 366 12.74 -1.05 -6.62
N LEU B 367 13.75 -1.03 -5.74
CA LEU B 367 14.81 -2.04 -5.69
C LEU B 367 14.27 -3.36 -5.17
N SER B 368 13.34 -3.32 -4.19
CA SER B 368 12.70 -4.56 -3.69
C SER B 368 11.94 -5.27 -4.83
N GLY B 369 11.15 -4.49 -5.58
CA GLY B 369 10.38 -4.96 -6.73
C GLY B 369 11.28 -5.42 -7.87
N LEU B 370 12.43 -4.74 -8.07
CA LEU B 370 13.39 -5.18 -9.10
C LEU B 370 13.91 -6.59 -8.74
N SER B 371 14.30 -6.81 -7.47
CA SER B 371 14.81 -8.10 -7.00
C SER B 371 13.80 -9.23 -7.22
N ILE B 372 12.52 -8.97 -6.84
CA ILE B 372 11.42 -9.91 -7.04
C ILE B 372 11.25 -10.27 -8.53
N ALA B 373 11.28 -9.24 -9.40
CA ALA B 373 11.16 -9.40 -10.86
C ALA B 373 12.36 -10.14 -11.46
N GLN B 374 13.53 -10.12 -10.79
CA GLN B 374 14.72 -10.81 -11.28
C GLN B 374 14.82 -12.28 -10.83
N HIS B 375 14.33 -12.60 -9.63
CA HIS B 375 14.50 -13.90 -9.01
C HIS B 375 13.24 -14.72 -8.79
N PHE B 376 13.12 -15.81 -9.56
CA PHE B 376 12.06 -16.80 -9.38
C PHE B 376 12.64 -18.01 -8.61
N GLY B 377 11.82 -18.55 -7.71
CA GLY B 377 12.13 -19.73 -6.89
C GLY B 377 10.86 -20.48 -6.50
N SER B 378 10.90 -21.81 -6.56
CA SER B 378 9.79 -22.70 -6.18
C SER B 378 10.34 -24.11 -5.99
N GLY B 379 10.58 -24.47 -4.73
CA GLY B 379 11.15 -25.75 -4.33
C GLY B 379 12.55 -25.91 -4.87
N ALA B 380 12.72 -26.87 -5.82
CA ALA B 380 13.99 -27.16 -6.48
C ALA B 380 14.34 -26.16 -7.60
N MET B 381 13.31 -25.60 -8.27
CA MET B 381 13.44 -24.65 -9.38
C MET B 381 13.93 -23.24 -8.97
N LEU B 382 14.91 -22.71 -9.72
CA LEU B 382 15.52 -21.38 -9.56
C LEU B 382 15.75 -20.82 -10.98
N HIS B 383 15.11 -19.69 -11.30
CA HIS B 383 15.27 -19.04 -12.61
C HIS B 383 15.36 -17.52 -12.48
N ASP B 384 16.45 -16.93 -13.02
CA ASP B 384 16.67 -15.49 -13.03
C ASP B 384 16.38 -14.89 -14.39
N VAL B 385 15.83 -13.66 -14.39
CA VAL B 385 15.57 -12.84 -15.58
C VAL B 385 16.27 -11.52 -15.23
N VAL B 386 17.43 -11.23 -15.83
CA VAL B 386 18.14 -9.99 -15.54
C VAL B 386 18.15 -9.11 -16.78
N MET B 387 17.25 -8.10 -16.81
CA MET B 387 17.20 -7.16 -17.94
C MET B 387 18.40 -6.21 -17.86
N GLY B 388 18.92 -5.81 -19.03
CA GLY B 388 20.08 -4.94 -19.15
C GLY B 388 21.40 -5.64 -18.84
N VAL B 389 22.39 -4.88 -18.35
CA VAL B 389 23.74 -5.37 -17.99
C VAL B 389 23.71 -6.38 -16.81
N PRO B 390 24.51 -7.49 -16.84
CA PRO B 390 24.45 -8.48 -15.75
C PRO B 390 24.70 -7.99 -14.32
N GLU B 391 25.44 -6.87 -14.19
CA GLU B 391 25.72 -6.22 -12.90
C GLU B 391 24.42 -5.68 -12.25
N ASN B 392 23.31 -5.65 -12.98
CA ASN B 392 22.02 -5.18 -12.49
C ASN B 392 21.40 -6.13 -11.47
N VAL B 393 21.86 -7.42 -11.46
CA VAL B 393 21.34 -8.46 -10.56
C VAL B 393 21.48 -8.05 -9.11
N LEU B 394 20.35 -8.06 -8.40
CA LEU B 394 20.32 -7.70 -6.99
C LEU B 394 20.36 -8.93 -6.11
N GLN B 395 20.63 -8.73 -4.82
CA GLN B 395 20.54 -9.78 -3.81
C GLN B 395 19.04 -10.14 -3.68
N PRO B 396 18.67 -11.44 -3.49
CA PRO B 396 17.24 -11.77 -3.37
C PRO B 396 16.59 -11.17 -2.11
N THR B 397 15.25 -11.03 -2.12
CA THR B 397 14.52 -10.52 -0.97
C THR B 397 13.42 -11.52 -0.56
N HIS B 398 13.15 -11.64 0.74
CA HIS B 398 12.10 -12.55 1.18
C HIS B 398 10.75 -11.87 0.90
N PRO B 399 9.86 -12.54 0.14
CA PRO B 399 8.57 -11.92 -0.20
C PRO B 399 7.60 -11.64 0.95
N VAL B 400 7.79 -12.27 2.13
CA VAL B 400 6.93 -11.99 3.29
C VAL B 400 7.45 -10.78 4.04
N TYR B 401 8.75 -10.79 4.38
CA TYR B 401 9.38 -9.80 5.26
C TYR B 401 10.02 -8.63 4.59
N ASN B 402 10.35 -8.79 3.32
CA ASN B 402 11.10 -7.80 2.55
C ASN B 402 12.47 -7.45 3.17
N ILE B 403 13.16 -8.49 3.63
CA ILE B 403 14.54 -8.47 4.13
C ILE B 403 15.13 -9.71 3.46
N GLY B 404 16.45 -9.78 3.39
CA GLY B 404 17.15 -10.90 2.76
C GLY B 404 16.73 -12.25 3.32
N PRO B 405 16.48 -13.25 2.48
CA PRO B 405 16.08 -14.60 2.98
C PRO B 405 17.03 -15.20 4.03
N ASP B 406 18.35 -14.90 3.92
CA ASP B 406 19.38 -15.37 4.87
C ASP B 406 19.14 -14.69 6.23
N LYS B 407 18.71 -13.41 6.22
CA LYS B 407 18.40 -12.63 7.43
C LYS B 407 17.16 -13.17 8.11
N VAL B 408 16.18 -13.64 7.32
CA VAL B 408 14.96 -14.26 7.86
C VAL B 408 15.35 -15.56 8.63
N ILE B 409 16.06 -16.49 7.98
CA ILE B 409 16.53 -17.75 8.59
C ILE B 409 17.37 -17.48 9.83
N GLN B 410 18.35 -16.57 9.73
CA GLN B 410 19.23 -16.26 10.84
C GLN B 410 18.46 -15.74 12.05
N ALA B 411 17.56 -14.74 11.85
CA ALA B 411 16.76 -14.19 12.95
C ALA B 411 15.83 -15.24 13.55
N THR B 412 15.08 -15.97 12.69
CA THR B 412 14.12 -16.99 13.15
C THR B 412 14.80 -18.07 13.99
N THR B 413 15.93 -18.60 13.50
CA THR B 413 16.74 -19.59 14.23
C THR B 413 17.24 -19.01 15.54
N HIS B 414 17.71 -17.74 15.55
CA HIS B 414 18.20 -17.15 16.80
C HIS B 414 17.11 -17.04 17.85
N PHE B 415 15.93 -16.49 17.47
CA PHE B 415 14.84 -16.27 18.41
C PHE B 415 14.12 -17.53 18.88
N LEU B 416 14.17 -18.58 18.05
CA LEU B 416 13.64 -19.90 18.38
C LEU B 416 14.45 -20.59 19.53
N GLN B 417 15.66 -20.09 19.88
CA GLN B 417 16.49 -20.57 21.01
C GLN B 417 15.89 -20.05 22.30
N LYS B 418 15.09 -18.99 22.19
CA LYS B 418 14.46 -18.39 23.33
C LYS B 418 13.07 -18.98 23.50
N PRO B 419 12.55 -19.15 24.73
CA PRO B 419 11.16 -19.60 24.84
C PRO B 419 10.24 -18.43 24.54
N VAL B 420 9.00 -18.71 24.13
CA VAL B 420 7.97 -17.71 23.91
C VAL B 420 7.72 -17.09 25.30
N PRO B 421 7.76 -15.74 25.50
CA PRO B 421 7.50 -15.19 26.84
C PRO B 421 6.24 -15.77 27.48
N GLY B 422 6.39 -16.26 28.71
CA GLY B 422 5.36 -16.94 29.48
C GLY B 422 4.29 -16.08 30.11
N PHE B 423 4.54 -14.76 30.24
CA PHE B 423 3.61 -13.80 30.85
C PHE B 423 3.17 -14.14 32.28
#